data_2N4K
#
_entry.id   2N4K
#
_entity_poly.entity_id   1
_entity_poly.type   'polypeptide(L)'
_entity_poly.pdbx_seq_one_letter_code
;KYYGNGVSCNKKGCSVDWGKAIGIIGNNAAANLTTGGKAGWKG
;
_entity_poly.pdbx_strand_id   A
#
# COMPACT_ATOMS: atom_id res chain seq x y z
N LYS A 1 4.55 11.34 -8.73
CA LYS A 1 4.55 10.61 -7.47
C LYS A 1 4.37 9.11 -7.70
N TYR A 2 5.09 8.31 -6.93
CA TYR A 2 5.02 6.86 -7.05
C TYR A 2 4.86 6.21 -5.68
N TYR A 3 3.63 5.89 -5.32
CA TYR A 3 3.34 5.26 -4.04
C TYR A 3 3.94 3.86 -3.97
N GLY A 4 3.81 3.11 -5.06
CA GLY A 4 4.36 1.77 -5.11
C GLY A 4 3.27 0.71 -5.21
N ASN A 5 2.09 1.12 -5.65
CA ASN A 5 0.97 0.20 -5.79
C ASN A 5 0.41 0.24 -7.21
N GLY A 6 1.26 0.64 -8.17
CA GLY A 6 0.83 0.72 -9.55
C GLY A 6 0.45 2.12 -9.97
N VAL A 7 1.03 3.11 -9.29
CA VAL A 7 0.74 4.51 -9.60
C VAL A 7 1.75 5.06 -10.61
N SER A 8 1.29 6.03 -11.40
CA SER A 8 2.16 6.64 -12.41
C SER A 8 1.80 8.12 -12.60
N CYS A 9 2.83 8.97 -12.56
CA CYS A 9 2.63 10.41 -12.71
C CYS A 9 3.97 11.13 -12.78
N ASN A 10 4.16 11.94 -13.83
CA ASN A 10 5.40 12.68 -14.00
C ASN A 10 5.10 14.15 -14.33
N LYS A 11 4.45 14.36 -15.47
CA LYS A 11 4.11 15.71 -15.91
C LYS A 11 2.78 15.71 -16.67
N LYS A 12 2.62 14.76 -17.58
CA LYS A 12 1.41 14.65 -18.37
C LYS A 12 0.19 14.56 -17.46
N GLY A 13 0.21 13.59 -16.55
CA GLY A 13 -0.91 13.41 -15.65
C GLY A 13 -0.73 12.19 -14.76
N CYS A 14 -1.79 11.82 -14.05
CA CYS A 14 -1.76 10.67 -13.16
C CYS A 14 -2.80 9.63 -13.56
N SER A 15 -2.65 8.41 -13.04
CA SER A 15 -3.57 7.33 -13.35
C SER A 15 -3.49 6.23 -12.30
N VAL A 16 -3.37 6.63 -11.03
CA VAL A 16 -3.28 5.68 -9.93
C VAL A 16 -4.41 4.65 -10.00
N ASP A 17 -4.06 3.41 -10.31
CA ASP A 17 -5.04 2.34 -10.40
C ASP A 17 -5.53 1.93 -9.01
N TRP A 18 -6.55 2.62 -8.53
CA TRP A 18 -7.12 2.33 -7.22
C TRP A 18 -7.96 1.06 -7.26
N GLY A 19 -7.31 -0.08 -7.43
CA GLY A 19 -8.03 -1.34 -7.48
C GLY A 19 -7.21 -2.50 -6.94
N LYS A 20 -5.93 -2.52 -7.30
CA LYS A 20 -5.03 -3.58 -6.85
C LYS A 20 -4.41 -3.23 -5.50
N ALA A 21 -4.20 -1.94 -5.26
CA ALA A 21 -3.61 -1.47 -4.03
C ALA A 21 -4.48 -1.84 -2.83
N ILE A 22 -5.80 -1.78 -3.03
CA ILE A 22 -6.74 -2.11 -1.96
C ILE A 22 -6.55 -3.55 -1.50
N GLY A 23 -6.19 -4.43 -2.42
CA GLY A 23 -5.98 -5.82 -2.07
C GLY A 23 -4.71 -6.05 -1.28
N ILE A 24 -3.79 -5.09 -1.37
CA ILE A 24 -2.52 -5.18 -0.65
C ILE A 24 -2.66 -4.69 0.78
N ILE A 25 -3.61 -3.79 1.00
CA ILE A 25 -3.84 -3.24 2.33
C ILE A 25 -4.58 -4.24 3.22
N GLY A 26 -5.54 -4.95 2.63
CA GLY A 26 -6.31 -5.93 3.37
C GLY A 26 -5.42 -6.92 4.10
N ASN A 27 -4.33 -7.34 3.46
CA ASN A 27 -3.41 -8.29 4.05
C ASN A 27 -2.51 -7.61 5.08
N ASN A 28 -2.08 -6.40 4.76
CA ASN A 28 -1.21 -5.63 5.65
C ASN A 28 -1.83 -5.52 7.04
N ALA A 29 -3.10 -5.11 7.09
CA ALA A 29 -3.81 -4.96 8.35
C ALA A 29 -4.11 -6.32 8.97
N ALA A 30 -4.33 -7.31 8.11
CA ALA A 30 -4.64 -8.67 8.57
C ALA A 30 -3.53 -9.20 9.48
N ALA A 31 -2.31 -8.72 9.25
CA ALA A 31 -1.16 -9.16 10.04
C ALA A 31 -1.22 -8.58 11.45
N ASN A 32 -1.87 -7.43 11.59
CA ASN A 32 -2.00 -6.77 12.89
C ASN A 32 -3.14 -7.38 13.69
N LEU A 33 -4.12 -7.93 13.00
CA LEU A 33 -5.27 -8.55 13.65
C LEU A 33 -4.90 -9.91 14.24
N THR A 34 -4.15 -10.69 13.47
CA THR A 34 -3.73 -12.01 13.91
C THR A 34 -2.69 -11.92 15.03
N THR A 35 -1.97 -10.80 15.06
CA THR A 35 -0.95 -10.59 16.08
C THR A 35 -0.02 -11.79 16.19
N GLY A 36 0.22 -12.46 15.06
CA GLY A 36 1.09 -13.62 15.05
C GLY A 36 2.38 -13.37 14.29
N GLY A 37 3.02 -12.24 14.56
CA GLY A 37 4.26 -11.91 13.88
C GLY A 37 4.90 -10.65 14.43
N LYS A 38 6.22 -10.57 14.36
CA LYS A 38 6.96 -9.42 14.85
C LYS A 38 7.21 -8.41 13.73
N ALA A 39 7.55 -7.18 14.10
CA ALA A 39 7.83 -6.14 13.13
C ALA A 39 8.46 -4.91 13.80
N GLY A 40 9.58 -4.45 13.24
CA GLY A 40 10.26 -3.30 13.80
C GLY A 40 9.84 -2.00 13.13
N TRP A 41 8.55 -1.86 12.89
CA TRP A 41 8.02 -0.66 12.25
C TRP A 41 8.37 0.59 13.05
N LYS A 42 8.02 1.76 12.51
CA LYS A 42 8.31 3.03 13.18
C LYS A 42 7.45 3.17 14.43
N GLY A 43 6.13 3.22 14.25
CA GLY A 43 5.23 3.36 15.38
C GLY A 43 5.41 4.67 16.09
N LYS A 1 7.50 6.24 -14.67
CA LYS A 1 7.66 5.90 -13.26
C LYS A 1 6.57 4.94 -12.80
N TYR A 2 6.98 3.87 -12.13
CA TYR A 2 6.05 2.87 -11.63
C TYR A 2 6.44 2.39 -10.24
N TYR A 3 5.61 2.71 -9.25
CA TYR A 3 5.87 2.31 -7.88
C TYR A 3 5.56 0.83 -7.67
N GLY A 4 4.28 0.47 -7.77
CA GLY A 4 3.89 -0.91 -7.59
C GLY A 4 2.40 -1.05 -7.37
N ASN A 5 1.83 -0.18 -6.55
CA ASN A 5 0.41 -0.21 -6.24
C ASN A 5 -0.41 0.09 -7.49
N GLY A 6 0.17 0.84 -8.41
CA GLY A 6 -0.52 1.20 -9.64
C GLY A 6 -0.44 2.68 -9.94
N VAL A 7 0.70 3.29 -9.63
CA VAL A 7 0.90 4.71 -9.88
C VAL A 7 1.48 4.95 -11.26
N SER A 8 0.95 5.97 -11.95
CA SER A 8 1.41 6.31 -13.29
C SER A 8 1.88 7.76 -13.36
N CYS A 9 3.19 7.94 -13.54
CA CYS A 9 3.76 9.28 -13.62
C CYS A 9 4.77 9.36 -14.76
N ASN A 10 4.41 10.04 -15.84
CA ASN A 10 5.29 10.19 -16.99
C ASN A 10 5.66 11.66 -17.20
N LYS A 11 4.72 12.45 -17.70
CA LYS A 11 4.95 13.86 -17.94
C LYS A 11 3.73 14.70 -17.51
N LYS A 12 2.54 14.19 -17.81
CA LYS A 12 1.32 14.88 -17.46
C LYS A 12 1.24 15.14 -15.95
N GLY A 13 1.95 14.31 -15.19
CA GLY A 13 1.95 14.46 -13.74
C GLY A 13 1.86 13.14 -13.02
N CYS A 14 0.67 12.81 -12.54
CA CYS A 14 0.44 11.57 -11.83
C CYS A 14 -1.03 11.13 -11.91
N SER A 15 -1.30 9.88 -11.56
CA SER A 15 -2.65 9.34 -11.61
C SER A 15 -2.77 8.11 -10.72
N VAL A 16 -2.15 8.16 -9.55
CA VAL A 16 -2.19 7.05 -8.61
C VAL A 16 -3.62 6.59 -8.36
N ASP A 17 -3.95 5.40 -8.86
CA ASP A 17 -5.29 4.85 -8.69
C ASP A 17 -5.52 4.41 -7.25
N TRP A 18 -5.95 5.35 -6.41
CA TRP A 18 -6.20 5.06 -5.00
C TRP A 18 -7.52 4.30 -4.83
N GLY A 19 -7.52 3.04 -5.27
CA GLY A 19 -8.71 2.22 -5.16
C GLY A 19 -8.39 0.77 -4.87
N LYS A 20 -7.41 0.23 -5.57
CA LYS A 20 -7.00 -1.16 -5.38
C LYS A 20 -5.90 -1.26 -4.34
N ALA A 21 -5.12 -0.20 -4.18
CA ALA A 21 -4.04 -0.17 -3.20
C ALA A 21 -4.58 -0.12 -1.78
N ILE A 22 -5.77 0.45 -1.62
CA ILE A 22 -6.39 0.56 -0.31
C ILE A 22 -6.57 -0.81 0.33
N GLY A 23 -6.71 -1.84 -0.50
CA GLY A 23 -6.88 -3.19 0.00
C GLY A 23 -5.58 -3.78 0.51
N ILE A 24 -4.47 -3.27 0.00
CA ILE A 24 -3.15 -3.76 0.41
C ILE A 24 -2.77 -3.23 1.79
N ILE A 25 -3.17 -1.99 2.06
CA ILE A 25 -2.86 -1.36 3.35
C ILE A 25 -3.29 -2.26 4.50
N GLY A 26 -4.33 -3.06 4.28
CA GLY A 26 -4.82 -3.95 5.32
C GLY A 26 -4.43 -5.39 5.06
N ASN A 27 -3.91 -5.66 3.87
CA ASN A 27 -3.50 -7.02 3.50
C ASN A 27 -1.97 -7.12 3.41
N ASN A 28 -1.29 -6.21 4.09
CA ASN A 28 0.17 -6.20 4.08
C ASN A 28 0.73 -6.34 5.49
N ALA A 29 0.02 -5.77 6.46
CA ALA A 29 0.44 -5.82 7.86
C ALA A 29 -0.10 -7.08 8.53
N ALA A 30 -1.27 -7.53 8.09
CA ALA A 30 -1.90 -8.72 8.65
C ALA A 30 -1.07 -9.96 8.38
N ALA A 31 -0.55 -10.07 7.16
CA ALA A 31 0.27 -11.21 6.77
C ALA A 31 1.45 -11.38 7.72
N ASN A 32 1.90 -10.28 8.31
CA ASN A 32 3.03 -10.32 9.22
C ASN A 32 2.55 -10.50 10.66
N LEU A 33 1.39 -9.94 10.98
CA LEU A 33 0.82 -10.03 12.31
C LEU A 33 0.57 -11.49 12.69
N THR A 34 0.21 -12.30 11.69
CA THR A 34 -0.07 -13.71 11.92
C THR A 34 1.22 -14.51 12.00
N THR A 35 2.27 -14.00 11.36
CA THR A 35 3.57 -14.67 11.37
C THR A 35 4.33 -14.39 12.67
N GLY A 36 4.36 -13.12 13.07
CA GLY A 36 5.05 -12.75 14.29
C GLY A 36 5.81 -11.45 14.16
N GLY A 37 5.15 -10.34 14.49
CA GLY A 37 5.79 -9.05 14.40
C GLY A 37 5.41 -8.12 15.54
N LYS A 38 6.40 -7.57 16.22
CA LYS A 38 6.15 -6.66 17.33
C LYS A 38 5.57 -5.34 16.84
N ALA A 39 4.76 -4.71 17.68
CA ALA A 39 4.14 -3.44 17.33
C ALA A 39 4.05 -2.52 18.55
N GLY A 40 3.50 -1.33 18.35
CA GLY A 40 3.36 -0.38 19.43
C GLY A 40 2.54 0.83 19.04
N TRP A 41 1.36 0.59 18.46
CA TRP A 41 0.48 1.67 18.05
C TRP A 41 -0.98 1.28 18.21
N LYS A 42 -1.88 2.16 17.79
CA LYS A 42 -3.30 1.90 17.89
C LYS A 42 -3.84 1.27 16.61
N GLY A 43 -3.39 0.04 16.33
CA GLY A 43 -3.84 -0.66 15.14
C GLY A 43 -4.93 -1.66 15.43
N LYS A 1 8.67 11.15 -9.44
CA LYS A 1 8.12 10.35 -8.35
C LYS A 1 7.63 9.00 -8.88
N TYR A 2 7.47 8.04 -7.96
CA TYR A 2 7.00 6.71 -8.34
C TYR A 2 6.82 5.84 -7.10
N TYR A 3 5.55 5.58 -6.76
CA TYR A 3 5.23 4.76 -5.60
C TYR A 3 5.66 3.31 -5.82
N GLY A 4 5.04 2.67 -6.81
CA GLY A 4 5.37 1.28 -7.10
C GLY A 4 4.14 0.44 -7.38
N ASN A 5 2.99 0.92 -6.92
CA ASN A 5 1.73 0.20 -7.11
C ASN A 5 1.21 0.38 -8.53
N GLY A 6 1.66 1.45 -9.19
CA GLY A 6 1.23 1.72 -10.55
C GLY A 6 1.22 3.20 -10.87
N VAL A 7 1.25 4.04 -9.83
CA VAL A 7 1.24 5.49 -10.02
C VAL A 7 2.33 5.91 -10.99
N SER A 8 1.97 6.79 -11.92
CA SER A 8 2.92 7.29 -12.92
C SER A 8 2.28 8.36 -13.79
N CYS A 9 3.11 9.08 -14.53
CA CYS A 9 2.63 10.14 -15.42
C CYS A 9 3.16 9.95 -16.83
N ASN A 10 2.56 10.66 -17.77
CA ASN A 10 2.97 10.58 -19.18
C ASN A 10 3.15 11.96 -19.78
N LYS A 11 2.05 12.69 -19.94
CA LYS A 11 2.09 14.03 -20.50
C LYS A 11 1.10 14.94 -19.79
N LYS A 12 -0.19 14.72 -20.04
CA LYS A 12 -1.24 15.53 -19.43
C LYS A 12 -1.08 15.58 -17.92
N GLY A 13 -1.17 14.41 -17.28
CA GLY A 13 -1.02 14.34 -15.84
C GLY A 13 -0.54 12.99 -15.37
N CYS A 14 -1.29 12.39 -14.44
CA CYS A 14 -0.93 11.08 -13.91
C CYS A 14 -2.04 10.06 -14.18
N SER A 15 -1.91 8.88 -13.59
CA SER A 15 -2.89 7.82 -13.77
C SER A 15 -2.90 6.87 -12.58
N VAL A 16 -2.71 7.43 -11.39
CA VAL A 16 -2.69 6.64 -10.16
C VAL A 16 -3.92 5.74 -10.07
N ASP A 17 -3.70 4.44 -10.20
CA ASP A 17 -4.79 3.47 -10.14
C ASP A 17 -5.28 3.30 -8.71
N TRP A 18 -6.23 4.14 -8.32
CA TRP A 18 -6.80 4.09 -6.97
C TRP A 18 -7.75 2.91 -6.82
N GLY A 19 -7.20 1.70 -6.82
CA GLY A 19 -8.02 0.51 -6.70
C GLY A 19 -7.26 -0.66 -6.10
N LYS A 20 -6.00 -0.81 -6.50
CA LYS A 20 -5.16 -1.89 -6.00
C LYS A 20 -4.04 -1.35 -5.12
N ALA A 21 -4.28 -0.18 -4.51
CA ALA A 21 -3.30 0.44 -3.63
C ALA A 21 -3.82 0.55 -2.21
N ILE A 22 -5.14 0.58 -2.07
CA ILE A 22 -5.76 0.68 -0.75
C ILE A 22 -5.76 -0.68 -0.04
N GLY A 23 -5.80 -1.75 -0.83
CA GLY A 23 -5.80 -3.09 -0.27
C GLY A 23 -4.41 -3.56 0.10
N ILE A 24 -3.39 -2.94 -0.49
CA ILE A 24 -2.01 -3.31 -0.23
C ILE A 24 -1.53 -2.73 1.09
N ILE A 25 -2.15 -1.64 1.52
CA ILE A 25 -1.79 -1.00 2.78
C ILE A 25 -1.78 -2.00 3.92
N GLY A 26 -2.71 -2.95 3.89
CA GLY A 26 -2.79 -3.95 4.93
C GLY A 26 -1.48 -4.69 5.14
N ASN A 27 -0.73 -4.87 4.05
CA ASN A 27 0.56 -5.55 4.11
C ASN A 27 1.70 -4.57 4.37
N ASN A 28 1.53 -3.35 3.86
CA ASN A 28 2.55 -2.32 4.03
C ASN A 28 2.70 -1.95 5.50
N ALA A 29 1.57 -1.74 6.17
CA ALA A 29 1.58 -1.37 7.58
C ALA A 29 2.12 -2.51 8.44
N ALA A 30 1.99 -3.73 7.94
CA ALA A 30 2.47 -4.91 8.66
C ALA A 30 3.98 -4.82 8.90
N ALA A 31 4.68 -4.13 8.02
CA ALA A 31 6.12 -3.96 8.13
C ALA A 31 6.48 -3.06 9.31
N ASN A 32 5.56 -2.17 9.67
CA ASN A 32 5.79 -1.24 10.78
C ASN A 32 5.28 -1.84 12.09
N LEU A 33 4.29 -2.71 11.99
CA LEU A 33 3.72 -3.36 13.17
C LEU A 33 4.55 -4.58 13.57
N THR A 34 5.01 -5.33 12.58
CA THR A 34 5.81 -6.52 12.84
C THR A 34 7.02 -6.20 13.70
N THR A 35 7.55 -5.00 13.53
CA THR A 35 8.72 -4.57 14.30
C THR A 35 8.31 -3.58 15.40
N GLY A 36 7.14 -3.81 15.98
CA GLY A 36 6.66 -2.94 17.04
C GLY A 36 6.90 -3.52 18.42
N GLY A 37 6.84 -4.83 18.52
CA GLY A 37 7.05 -5.49 19.80
C GLY A 37 6.07 -6.61 20.05
N LYS A 38 4.78 -6.31 19.92
CA LYS A 38 3.73 -7.30 20.13
C LYS A 38 2.98 -7.58 18.83
N ALA A 39 2.19 -8.64 18.83
CA ALA A 39 1.41 -9.02 17.66
C ALA A 39 -0.08 -8.74 17.88
N GLY A 40 -0.81 -8.60 16.77
CA GLY A 40 -2.24 -8.33 16.86
C GLY A 40 -3.08 -9.49 16.37
N TRP A 41 -3.33 -10.44 17.26
CA TRP A 41 -4.13 -11.62 16.91
C TRP A 41 -4.46 -12.44 18.15
N LYS A 42 -5.45 -13.31 18.03
CA LYS A 42 -5.87 -14.15 19.15
C LYS A 42 -4.72 -15.03 19.62
N GLY A 43 -4.21 -15.87 18.73
CA GLY A 43 -3.11 -16.74 19.07
C GLY A 43 -3.49 -17.79 20.12
N LYS A 1 6.25 6.13 -13.47
CA LYS A 1 5.95 5.62 -12.13
C LYS A 1 4.90 4.52 -12.20
N TYR A 2 5.34 3.28 -12.27
CA TYR A 2 4.44 2.14 -12.34
C TYR A 2 4.57 1.26 -11.10
N TYR A 3 3.51 1.19 -10.31
CA TYR A 3 3.50 0.39 -9.09
C TYR A 3 3.00 -1.02 -9.37
N GLY A 4 1.74 -1.10 -9.82
CA GLY A 4 1.15 -2.39 -10.11
C GLY A 4 -0.37 -2.37 -10.02
N ASN A 5 -0.89 -1.63 -9.06
CA ASN A 5 -2.33 -1.52 -8.86
C ASN A 5 -2.99 -0.88 -10.07
N GLY A 6 -2.25 -0.05 -10.79
CA GLY A 6 -2.78 0.61 -11.96
C GLY A 6 -2.50 2.11 -11.96
N VAL A 7 -1.33 2.49 -11.46
CA VAL A 7 -0.95 3.89 -11.40
C VAL A 7 -0.21 4.31 -12.67
N SER A 8 -0.37 5.58 -13.04
CA SER A 8 0.28 6.10 -14.23
C SER A 8 0.64 7.58 -14.05
N CYS A 9 1.92 7.90 -14.27
CA CYS A 9 2.39 9.27 -14.14
C CYS A 9 3.84 9.39 -14.59
N ASN A 10 4.09 10.37 -15.46
CA ASN A 10 5.44 10.60 -15.98
C ASN A 10 5.76 12.09 -16.04
N LYS A 11 4.98 12.81 -16.84
CA LYS A 11 5.18 14.25 -17.00
C LYS A 11 3.84 14.98 -17.02
N LYS A 12 2.93 14.52 -17.88
CA LYS A 12 1.62 15.12 -18.00
C LYS A 12 0.94 15.24 -16.64
N GLY A 13 0.59 14.10 -16.05
CA GLY A 13 -0.05 14.09 -14.76
C GLY A 13 -0.21 12.70 -14.19
N CYS A 14 -0.97 12.58 -13.10
CA CYS A 14 -1.19 11.30 -12.46
C CYS A 14 -2.68 10.95 -12.42
N SER A 15 -2.98 9.67 -12.28
CA SER A 15 -4.37 9.22 -12.24
C SER A 15 -4.49 7.91 -11.46
N VAL A 16 -3.70 7.79 -10.39
CA VAL A 16 -3.71 6.59 -9.56
C VAL A 16 -5.13 6.23 -9.16
N ASP A 17 -5.63 5.11 -9.70
CA ASP A 17 -6.97 4.65 -9.39
C ASP A 17 -7.05 4.13 -7.96
N TRP A 18 -7.30 5.04 -7.01
CA TRP A 18 -7.39 4.67 -5.61
C TRP A 18 -8.73 3.99 -5.32
N GLY A 19 -8.89 2.77 -5.83
CA GLY A 19 -10.13 2.03 -5.61
C GLY A 19 -9.88 0.58 -5.27
N LYS A 20 -9.14 -0.10 -6.14
CA LYS A 20 -8.83 -1.51 -5.93
C LYS A 20 -7.57 -1.68 -5.09
N ALA A 21 -6.71 -0.67 -5.11
CA ALA A 21 -5.47 -0.70 -4.35
C ALA A 21 -5.75 -0.59 -2.85
N ILE A 22 -6.88 0.01 -2.50
CA ILE A 22 -7.27 0.17 -1.12
C ILE A 22 -7.30 -1.17 -0.38
N GLY A 23 -7.56 -2.24 -1.15
CA GLY A 23 -7.61 -3.57 -0.56
C GLY A 23 -6.23 -4.13 -0.28
N ILE A 24 -5.22 -3.58 -0.95
CA ILE A 24 -3.85 -4.04 -0.76
C ILE A 24 -3.17 -3.30 0.38
N ILE A 25 -3.58 -2.06 0.59
CA ILE A 25 -3.01 -1.24 1.66
C ILE A 25 -3.10 -1.95 3.00
N GLY A 26 -4.14 -2.76 3.17
CA GLY A 26 -4.33 -3.48 4.41
C GLY A 26 -3.43 -4.70 4.51
N ASN A 27 -2.93 -5.16 3.38
CA ASN A 27 -2.05 -6.33 3.34
C ASN A 27 -0.58 -5.91 3.43
N ASN A 28 -0.27 -4.78 2.81
CA ASN A 28 1.11 -4.28 2.81
C ASN A 28 1.63 -4.15 4.23
N ALA A 29 0.98 -3.31 5.03
CA ALA A 29 1.38 -3.10 6.42
C ALA A 29 1.34 -4.41 7.20
N ALA A 30 0.33 -5.23 6.93
CA ALA A 30 0.18 -6.50 7.60
C ALA A 30 1.40 -7.39 7.40
N ALA A 31 2.12 -7.15 6.29
CA ALA A 31 3.31 -7.93 5.97
C ALA A 31 4.35 -7.80 7.08
N ASN A 32 4.40 -6.63 7.71
CA ASN A 32 5.36 -6.39 8.78
C ASN A 32 4.94 -7.10 10.05
N LEU A 33 3.62 -7.21 10.26
CA LEU A 33 3.09 -7.87 11.45
C LEU A 33 3.52 -9.32 11.50
N THR A 34 3.80 -9.91 10.34
CA THR A 34 4.23 -11.29 10.26
C THR A 34 5.75 -11.41 10.40
N THR A 35 6.45 -10.34 10.07
CA THR A 35 7.91 -10.32 10.16
C THR A 35 8.37 -9.35 11.24
N GLY A 36 8.03 -9.64 12.49
CA GLY A 36 8.44 -8.78 13.59
C GLY A 36 7.26 -8.08 14.24
N GLY A 37 6.64 -8.74 15.22
CA GLY A 37 5.50 -8.17 15.90
C GLY A 37 5.89 -7.51 17.23
N LYS A 38 5.27 -6.36 17.51
CA LYS A 38 5.55 -5.65 18.74
C LYS A 38 4.40 -4.69 19.09
N ALA A 39 4.26 -4.40 20.38
CA ALA A 39 3.20 -3.50 20.83
C ALA A 39 1.82 -3.99 20.38
N GLY A 40 1.65 -5.30 20.34
CA GLY A 40 0.39 -5.88 19.92
C GLY A 40 -0.51 -6.22 21.09
N TRP A 41 -0.34 -5.50 22.20
CA TRP A 41 -1.13 -5.73 23.40
C TRP A 41 -1.87 -4.46 23.81
N LYS A 42 -1.22 -3.32 23.66
CA LYS A 42 -1.81 -2.04 24.01
C LYS A 42 -1.25 -0.92 23.14
N GLY A 43 0.01 -0.57 23.39
CA GLY A 43 0.65 0.48 22.63
C GLY A 43 -0.16 1.77 22.62
N LYS A 1 2.19 11.06 -8.11
CA LYS A 1 2.40 10.33 -6.87
C LYS A 1 2.85 8.90 -7.15
N TYR A 2 3.89 8.47 -6.44
CA TYR A 2 4.43 7.13 -6.63
C TYR A 2 3.92 6.19 -5.53
N TYR A 3 3.42 5.03 -5.93
CA TYR A 3 2.90 4.05 -4.99
C TYR A 3 3.90 2.92 -4.78
N GLY A 4 4.43 2.39 -5.87
CA GLY A 4 5.40 1.31 -5.79
C GLY A 4 5.54 0.56 -7.10
N ASN A 5 4.45 0.47 -7.86
CA ASN A 5 4.47 -0.22 -9.14
C ASN A 5 4.87 0.72 -10.27
N GLY A 6 4.02 1.68 -10.57
CA GLY A 6 4.30 2.64 -11.61
C GLY A 6 3.20 3.65 -11.81
N VAL A 7 2.59 4.08 -10.70
CA VAL A 7 1.51 5.05 -10.75
C VAL A 7 2.06 6.48 -10.84
N SER A 8 1.28 7.36 -11.45
CA SER A 8 1.68 8.76 -11.60
C SER A 8 0.61 9.56 -12.33
N CYS A 9 -0.21 10.27 -11.56
CA CYS A 9 -1.28 11.07 -12.13
C CYS A 9 -0.96 12.57 -12.00
N ASN A 10 -1.16 13.30 -13.09
CA ASN A 10 -0.88 14.73 -13.11
C ASN A 10 -1.98 15.48 -13.86
N LYS A 11 -1.97 15.37 -15.19
CA LYS A 11 -2.96 16.03 -16.03
C LYS A 11 -3.16 15.27 -17.33
N LYS A 12 -2.07 15.08 -18.07
CA LYS A 12 -2.12 14.38 -19.35
C LYS A 12 -2.81 13.03 -19.20
N GLY A 13 -2.22 12.16 -18.39
CA GLY A 13 -2.79 10.84 -18.17
C GLY A 13 -1.95 9.98 -17.25
N CYS A 14 -2.50 8.85 -16.83
CA CYS A 14 -1.79 7.94 -15.93
C CYS A 14 -2.11 6.49 -16.27
N SER A 15 -1.59 5.57 -15.47
CA SER A 15 -1.82 4.15 -15.67
C SER A 15 -1.77 3.38 -14.36
N VAL A 16 -2.35 3.98 -13.32
CA VAL A 16 -2.38 3.35 -12.00
C VAL A 16 -2.83 1.91 -12.08
N ASP A 17 -1.90 0.98 -11.86
CA ASP A 17 -2.20 -0.43 -11.92
C ASP A 17 -3.11 -0.84 -10.75
N TRP A 18 -4.41 -0.73 -10.95
CA TRP A 18 -5.38 -1.08 -9.92
C TRP A 18 -5.55 -2.59 -9.83
N GLY A 19 -4.46 -3.28 -9.47
CA GLY A 19 -4.51 -4.73 -9.34
C GLY A 19 -3.67 -5.24 -8.19
N LYS A 20 -2.47 -4.66 -8.03
CA LYS A 20 -1.57 -5.06 -6.96
C LYS A 20 -1.43 -3.96 -5.92
N ALA A 21 -2.47 -3.13 -5.81
CA ALA A 21 -2.46 -2.04 -4.84
C ALA A 21 -3.63 -2.17 -3.87
N ILE A 22 -4.76 -2.62 -4.37
CA ILE A 22 -5.96 -2.79 -3.54
C ILE A 22 -5.69 -3.73 -2.38
N GLY A 23 -4.80 -4.69 -2.59
CA GLY A 23 -4.45 -5.63 -1.55
C GLY A 23 -3.41 -5.10 -0.59
N ILE A 24 -2.95 -3.88 -0.84
CA ILE A 24 -1.96 -3.24 0.01
C ILE A 24 -2.58 -2.21 0.94
N ILE A 25 -3.34 -1.29 0.35
CA ILE A 25 -4.01 -0.24 1.13
C ILE A 25 -4.88 -0.85 2.23
N GLY A 26 -5.41 -2.04 1.97
CA GLY A 26 -6.25 -2.71 2.94
C GLY A 26 -5.49 -3.73 3.77
N ASN A 27 -4.16 -3.67 3.70
CA ASN A 27 -3.33 -4.60 4.45
C ASN A 27 -2.33 -3.85 5.32
N ASN A 28 -1.81 -2.75 4.81
CA ASN A 28 -0.84 -1.94 5.53
C ASN A 28 -1.48 -1.30 6.76
N ALA A 29 -2.79 -1.08 6.68
CA ALA A 29 -3.53 -0.47 7.79
C ALA A 29 -4.37 -1.50 8.53
N ALA A 30 -3.98 -2.78 8.41
CA ALA A 30 -4.71 -3.86 9.06
C ALA A 30 -3.85 -4.53 10.12
N ALA A 31 -2.54 -4.56 9.89
CA ALA A 31 -1.60 -5.18 10.82
C ALA A 31 -1.68 -4.51 12.19
N ASN A 32 -2.11 -3.25 12.20
CA ASN A 32 -2.23 -2.51 13.45
C ASN A 32 -3.58 -2.74 14.11
N LEU A 33 -4.58 -3.08 13.29
CA LEU A 33 -5.93 -3.33 13.79
C LEU A 33 -5.97 -4.65 14.56
N THR A 34 -5.69 -5.74 13.86
CA THR A 34 -5.70 -7.06 14.48
C THR A 34 -4.80 -7.11 15.71
N THR A 35 -3.78 -6.25 15.72
CA THR A 35 -2.84 -6.19 16.83
C THR A 35 -2.18 -7.55 17.07
N GLY A 36 -2.01 -8.31 16.00
CA GLY A 36 -1.40 -9.62 16.11
C GLY A 36 -0.05 -9.69 15.44
N GLY A 37 0.56 -8.53 15.21
CA GLY A 37 1.86 -8.48 14.57
C GLY A 37 2.95 -8.00 15.50
N LYS A 38 3.67 -8.94 16.11
CA LYS A 38 4.74 -8.60 17.03
C LYS A 38 5.59 -9.83 17.36
N ALA A 39 6.81 -9.86 16.83
CA ALA A 39 7.71 -10.97 17.07
C ALA A 39 8.77 -10.62 18.10
N GLY A 40 8.36 -9.90 19.14
CA GLY A 40 9.28 -9.50 20.18
C GLY A 40 10.14 -8.31 19.78
N TRP A 41 11.07 -8.54 18.85
CA TRP A 41 11.95 -7.48 18.37
C TRP A 41 11.76 -7.25 16.88
N LYS A 42 10.51 -7.32 16.43
CA LYS A 42 10.20 -7.12 15.02
C LYS A 42 10.99 -8.07 14.14
N GLY A 43 11.32 -9.23 14.69
CA GLY A 43 12.07 -10.23 13.94
C GLY A 43 11.36 -10.64 12.66
N LYS A 1 4.61 9.72 -13.48
CA LYS A 1 5.44 8.53 -13.33
C LYS A 1 4.60 7.26 -13.39
N TYR A 2 5.24 6.15 -13.73
CA TYR A 2 4.54 4.87 -13.84
C TYR A 2 4.96 3.93 -12.72
N TYR A 3 4.23 3.98 -11.61
CA TYR A 3 4.54 3.14 -10.45
C TYR A 3 4.40 1.66 -10.82
N GLY A 4 3.38 1.34 -11.61
CA GLY A 4 3.16 -0.03 -12.01
C GLY A 4 1.91 -0.63 -11.41
N ASN A 5 1.30 0.10 -10.48
CA ASN A 5 0.09 -0.35 -9.81
C ASN A 5 -1.15 0.18 -10.51
N GLY A 6 -0.99 0.58 -11.77
CA GLY A 6 -2.11 1.10 -12.54
C GLY A 6 -2.14 2.62 -12.54
N VAL A 7 -0.98 3.25 -12.43
CA VAL A 7 -0.88 4.70 -12.42
C VAL A 7 -0.33 5.23 -13.74
N SER A 8 -0.65 6.48 -14.06
CA SER A 8 -0.20 7.09 -15.30
C SER A 8 0.71 8.29 -15.01
N CYS A 9 0.11 9.40 -14.62
CA CYS A 9 0.86 10.61 -14.31
C CYS A 9 1.85 10.94 -15.43
N ASN A 10 1.34 10.95 -16.66
CA ASN A 10 2.18 11.25 -17.83
C ASN A 10 2.95 12.55 -17.62
N LYS A 11 2.23 13.64 -17.39
CA LYS A 11 2.84 14.94 -17.18
C LYS A 11 1.96 15.82 -16.30
N LYS A 12 0.71 16.00 -16.71
CA LYS A 12 -0.25 16.81 -15.97
C LYS A 12 -1.58 16.09 -15.83
N GLY A 13 -1.57 14.77 -16.01
CA GLY A 13 -2.79 14.00 -15.90
C GLY A 13 -2.57 12.69 -15.17
N CYS A 14 -3.06 12.61 -13.94
CA CYS A 14 -2.92 11.41 -13.12
C CYS A 14 -4.26 10.69 -12.99
N SER A 15 -4.20 9.36 -12.88
CA SER A 15 -5.40 8.55 -12.76
C SER A 15 -5.10 7.25 -12.02
N VAL A 16 -4.24 7.32 -11.01
CA VAL A 16 -3.87 6.15 -10.23
C VAL A 16 -5.10 5.38 -9.77
N ASP A 17 -5.30 4.21 -10.33
CA ASP A 17 -6.44 3.36 -9.99
C ASP A 17 -6.28 2.78 -8.59
N TRP A 18 -6.73 3.53 -7.58
CA TRP A 18 -6.64 3.08 -6.20
C TRP A 18 -7.69 2.02 -5.89
N GLY A 19 -7.53 0.85 -6.50
CA GLY A 19 -8.48 -0.23 -6.28
C GLY A 19 -7.82 -1.60 -6.31
N LYS A 20 -6.91 -1.78 -7.27
CA LYS A 20 -6.19 -3.05 -7.41
C LYS A 20 -4.99 -3.11 -6.48
N ALA A 21 -4.46 -1.94 -6.14
CA ALA A 21 -3.30 -1.86 -5.26
C ALA A 21 -3.72 -1.97 -3.79
N ILE A 22 -4.95 -1.55 -3.50
CA ILE A 22 -5.47 -1.60 -2.15
C ILE A 22 -5.33 -2.99 -1.55
N GLY A 23 -5.71 -4.01 -2.33
CA GLY A 23 -5.61 -5.37 -1.86
C GLY A 23 -4.23 -5.72 -1.34
N ILE A 24 -3.21 -5.11 -1.94
CA ILE A 24 -1.83 -5.36 -1.54
C ILE A 24 -1.45 -4.49 -0.34
N ILE A 25 -1.94 -3.26 -0.32
CA ILE A 25 -1.67 -2.34 0.78
C ILE A 25 -2.23 -2.86 2.09
N GLY A 26 -3.43 -3.43 2.04
CA GLY A 26 -4.06 -3.95 3.23
C GLY A 26 -3.36 -5.19 3.76
N ASN A 27 -2.70 -5.92 2.86
CA ASN A 27 -1.99 -7.14 3.25
C ASN A 27 -0.61 -6.80 3.81
N ASN A 28 0.11 -5.91 3.11
CA ASN A 28 1.44 -5.50 3.53
C ASN A 28 1.40 -4.93 4.96
N ALA A 29 0.42 -4.09 5.22
CA ALA A 29 0.28 -3.47 6.54
C ALA A 29 -0.25 -4.47 7.56
N ALA A 30 -1.04 -5.43 7.08
CA ALA A 30 -1.61 -6.45 7.95
C ALA A 30 -0.52 -7.24 8.68
N ALA A 31 0.65 -7.33 8.06
CA ALA A 31 1.77 -8.05 8.65
C ALA A 31 2.08 -7.52 10.04
N ASN A 32 1.79 -6.24 10.27
CA ASN A 32 2.03 -5.62 11.56
C ASN A 32 0.85 -5.83 12.50
N LEU A 33 -0.34 -5.98 11.92
CA LEU A 33 -1.55 -6.19 12.70
C LEU A 33 -1.49 -7.51 13.46
N THR A 34 -0.89 -8.52 12.83
CA THR A 34 -0.78 -9.84 13.43
C THR A 34 0.41 -9.89 14.39
N THR A 35 1.39 -9.03 14.18
CA THR A 35 2.57 -8.99 15.02
C THR A 35 2.54 -7.78 15.95
N GLY A 36 1.52 -7.73 16.80
CA GLY A 36 1.39 -6.61 17.73
C GLY A 36 2.43 -6.66 18.83
N GLY A 37 2.18 -7.48 19.85
CA GLY A 37 3.11 -7.58 20.96
C GLY A 37 3.45 -9.02 21.29
N LYS A 38 4.64 -9.24 21.83
CA LYS A 38 5.09 -10.58 22.18
C LYS A 38 5.33 -10.69 23.69
N ALA A 39 5.77 -9.59 24.29
CA ALA A 39 6.02 -9.57 25.73
C ALA A 39 4.85 -8.96 26.49
N GLY A 40 3.65 -9.11 25.93
CA GLY A 40 2.47 -8.58 26.57
C GLY A 40 2.56 -7.08 26.82
N TRP A 41 2.98 -6.34 25.81
CA TRP A 41 3.11 -4.89 25.93
C TRP A 41 2.73 -4.20 24.63
N LYS A 42 2.59 -2.88 24.68
CA LYS A 42 2.22 -2.10 23.51
C LYS A 42 3.44 -1.83 22.62
N GLY A 43 3.75 -2.79 21.75
CA GLY A 43 4.88 -2.64 20.86
C GLY A 43 4.47 -2.42 19.42
N LYS A 1 3.02 9.17 -5.62
CA LYS A 1 3.86 8.28 -4.83
C LYS A 1 3.84 6.87 -5.40
N TYR A 2 4.73 6.02 -4.91
CA TYR A 2 4.82 4.64 -5.38
C TYR A 2 4.48 3.67 -4.26
N TYR A 3 3.19 3.42 -4.07
CA TYR A 3 2.73 2.50 -3.03
C TYR A 3 3.28 1.10 -3.26
N GLY A 4 3.57 0.78 -4.52
CA GLY A 4 4.10 -0.53 -4.85
C GLY A 4 3.14 -1.33 -5.72
N ASN A 5 1.86 -1.07 -5.57
CA ASN A 5 0.84 -1.78 -6.34
C ASN A 5 0.93 -1.41 -7.82
N GLY A 6 1.43 -0.22 -8.10
CA GLY A 6 1.56 0.24 -9.47
C GLY A 6 1.03 1.64 -9.67
N VAL A 7 1.24 2.50 -8.68
CA VAL A 7 0.79 3.89 -8.75
C VAL A 7 1.87 4.80 -9.31
N SER A 8 1.46 5.87 -9.98
CA SER A 8 2.39 6.81 -10.56
C SER A 8 1.74 8.19 -10.73
N CYS A 9 2.44 9.22 -10.29
CA CYS A 9 1.94 10.58 -10.38
C CYS A 9 2.99 11.59 -9.93
N ASN A 10 3.33 12.52 -10.82
CA ASN A 10 4.34 13.53 -10.51
C ASN A 10 3.88 14.91 -11.01
N LYS A 11 3.93 15.10 -12.32
CA LYS A 11 3.53 16.36 -12.92
C LYS A 11 2.43 16.15 -13.96
N LYS A 12 2.49 15.02 -14.64
CA LYS A 12 1.50 14.69 -15.66
C LYS A 12 0.14 14.41 -15.02
N GLY A 13 0.05 13.32 -14.26
CA GLY A 13 -1.19 12.97 -13.61
C GLY A 13 -1.10 11.65 -12.87
N CYS A 14 -2.19 11.26 -12.22
CA CYS A 14 -2.24 10.01 -11.47
C CYS A 14 -3.04 8.96 -12.21
N SER A 15 -2.69 7.69 -12.01
CA SER A 15 -3.37 6.59 -12.68
C SER A 15 -3.26 5.31 -11.84
N VAL A 16 -3.38 5.46 -10.52
CA VAL A 16 -3.29 4.31 -9.62
C VAL A 16 -4.21 3.19 -10.07
N ASP A 17 -3.62 2.10 -10.54
CA ASP A 17 -4.39 0.94 -11.00
C ASP A 17 -5.07 0.25 -9.84
N TRP A 18 -6.27 0.72 -9.48
CA TRP A 18 -7.02 0.14 -8.38
C TRP A 18 -7.69 -1.17 -8.80
N GLY A 19 -6.87 -2.14 -9.19
CA GLY A 19 -7.40 -3.43 -9.61
C GLY A 19 -6.54 -4.59 -9.15
N LYS A 20 -5.22 -4.42 -9.24
CA LYS A 20 -4.29 -5.47 -8.82
C LYS A 20 -3.69 -5.15 -7.45
N ALA A 21 -4.39 -4.32 -6.69
CA ALA A 21 -3.94 -3.95 -5.36
C ALA A 21 -4.93 -4.39 -4.29
N ILE A 22 -6.21 -4.47 -4.66
CA ILE A 22 -7.25 -4.88 -3.73
C ILE A 22 -6.88 -6.19 -3.05
N GLY A 23 -7.29 -6.33 -1.79
CA GLY A 23 -7.00 -7.54 -1.04
C GLY A 23 -5.65 -7.48 -0.35
N ILE A 24 -4.65 -6.96 -1.05
CA ILE A 24 -3.31 -6.86 -0.48
C ILE A 24 -3.24 -5.76 0.57
N ILE A 25 -4.16 -4.80 0.48
CA ILE A 25 -4.20 -3.69 1.43
C ILE A 25 -5.02 -4.06 2.66
N GLY A 26 -6.14 -4.75 2.44
CA GLY A 26 -6.99 -5.15 3.54
C GLY A 26 -6.29 -6.07 4.51
N ASN A 27 -5.21 -6.69 4.05
CA ASN A 27 -4.45 -7.61 4.89
C ASN A 27 -3.17 -6.95 5.40
N ASN A 28 -2.61 -6.05 4.60
CA ASN A 28 -1.39 -5.35 4.98
C ASN A 28 -1.58 -4.60 6.29
N ALA A 29 -2.65 -3.82 6.36
CA ALA A 29 -2.96 -3.04 7.56
C ALA A 29 -3.34 -3.95 8.72
N ALA A 30 -3.97 -5.07 8.40
CA ALA A 30 -4.39 -6.03 9.41
C ALA A 30 -3.19 -6.53 10.21
N ALA A 31 -2.03 -6.61 9.57
CA ALA A 31 -0.82 -7.08 10.23
C ALA A 31 -0.32 -6.05 11.25
N ASN A 32 -0.61 -4.78 10.99
CA ASN A 32 -0.19 -3.70 11.88
C ASN A 32 -1.19 -3.51 13.00
N LEU A 33 -2.45 -3.81 12.72
CA LEU A 33 -3.51 -3.67 13.71
C LEU A 33 -3.29 -4.61 14.90
N THR A 34 -2.72 -5.78 14.63
CA THR A 34 -2.44 -6.75 15.66
C THR A 34 -1.07 -6.53 16.29
N THR A 35 -0.17 -5.92 15.52
CA THR A 35 1.18 -5.63 16.00
C THR A 35 1.94 -6.93 16.28
N GLY A 36 1.82 -7.89 15.37
CA GLY A 36 2.51 -9.16 15.55
C GLY A 36 3.24 -9.60 14.30
N GLY A 37 2.56 -9.55 13.16
CA GLY A 37 3.16 -9.95 11.91
C GLY A 37 4.07 -8.88 11.33
N LYS A 38 4.06 -8.75 10.01
CA LYS A 38 4.89 -7.76 9.34
C LYS A 38 4.60 -6.36 9.86
N ALA A 39 5.60 -5.75 10.49
CA ALA A 39 5.46 -4.41 11.04
C ALA A 39 6.07 -3.37 10.11
N GLY A 40 5.36 -2.26 9.93
CA GLY A 40 5.83 -1.20 9.06
C GLY A 40 6.22 0.05 9.82
N TRP A 41 5.54 0.28 10.94
CA TRP A 41 5.80 1.45 11.76
C TRP A 41 7.25 1.46 12.24
N LYS A 42 7.67 2.57 12.84
CA LYS A 42 9.03 2.71 13.35
C LYS A 42 9.36 1.58 14.32
N GLY A 43 10.64 1.20 14.36
CA GLY A 43 11.06 0.14 15.25
C GLY A 43 12.47 0.36 15.79
N LYS A 1 6.45 8.93 -14.08
CA LYS A 1 6.99 8.11 -13.01
C LYS A 1 6.28 6.76 -12.95
N TYR A 2 6.97 5.76 -12.40
CA TYR A 2 6.41 4.41 -12.28
C TYR A 2 6.78 3.79 -10.94
N TYR A 3 5.83 3.79 -10.02
CA TYR A 3 6.04 3.21 -8.69
C TYR A 3 6.18 1.70 -8.76
N GLY A 4 5.47 1.09 -9.71
CA GLY A 4 5.53 -0.35 -9.88
C GLY A 4 4.20 -1.02 -9.62
N ASN A 5 3.53 -0.61 -8.54
CA ASN A 5 2.23 -1.18 -8.18
C ASN A 5 1.24 -1.01 -9.32
N GLY A 6 1.47 -0.01 -10.17
CA GLY A 6 0.58 0.24 -11.29
C GLY A 6 0.20 1.70 -11.40
N VAL A 7 1.13 2.59 -11.10
CA VAL A 7 0.88 4.03 -11.17
C VAL A 7 1.42 4.62 -12.47
N SER A 8 0.62 5.47 -13.10
CA SER A 8 1.01 6.10 -14.35
C SER A 8 1.15 7.62 -14.18
N CYS A 9 2.38 8.11 -14.28
CA CYS A 9 2.64 9.53 -14.15
C CYS A 9 3.58 10.03 -15.26
N ASN A 10 3.50 11.31 -15.56
CA ASN A 10 4.33 11.90 -16.60
C ASN A 10 5.15 13.08 -16.04
N LYS A 11 4.48 14.20 -15.83
CA LYS A 11 5.14 15.39 -15.29
C LYS A 11 4.16 16.23 -14.47
N LYS A 12 2.94 16.35 -14.96
CA LYS A 12 1.91 17.12 -14.29
C LYS A 12 0.62 16.32 -14.16
N GLY A 13 0.67 15.04 -14.52
CA GLY A 13 -0.49 14.20 -14.44
C GLY A 13 -0.18 12.82 -13.91
N CYS A 14 -1.04 12.29 -13.04
CA CYS A 14 -0.85 10.98 -12.46
C CYS A 14 -2.01 10.05 -12.80
N SER A 15 -1.95 8.82 -12.29
CA SER A 15 -3.01 7.84 -12.54
C SER A 15 -2.72 6.54 -11.81
N VAL A 16 -3.27 6.41 -10.61
CA VAL A 16 -3.07 5.21 -9.80
C VAL A 16 -4.37 4.45 -9.63
N ASP A 17 -4.45 3.25 -10.21
CA ASP A 17 -5.63 2.42 -10.11
C ASP A 17 -5.84 1.92 -8.68
N TRP A 18 -6.55 2.71 -7.89
CA TRP A 18 -6.81 2.35 -6.50
C TRP A 18 -7.95 1.34 -6.40
N GLY A 19 -7.74 0.17 -6.99
CA GLY A 19 -8.76 -0.87 -6.97
C GLY A 19 -8.18 -2.23 -6.67
N LYS A 20 -7.06 -2.55 -7.30
CA LYS A 20 -6.40 -3.84 -7.10
C LYS A 20 -5.25 -3.72 -6.12
N ALA A 21 -5.35 -2.75 -5.21
CA ALA A 21 -4.32 -2.53 -4.21
C ALA A 21 -4.89 -2.66 -2.80
N ILE A 22 -6.10 -2.17 -2.60
CA ILE A 22 -6.75 -2.23 -1.31
C ILE A 22 -6.77 -3.65 -0.76
N GLY A 23 -7.08 -4.60 -1.63
CA GLY A 23 -7.11 -6.00 -1.22
C GLY A 23 -5.82 -6.45 -0.58
N ILE A 24 -4.71 -5.89 -1.04
CA ILE A 24 -3.40 -6.25 -0.51
C ILE A 24 -3.11 -5.49 0.78
N ILE A 25 -3.41 -4.20 0.78
CA ILE A 25 -3.19 -3.36 1.96
C ILE A 25 -3.92 -3.90 3.17
N GLY A 26 -5.05 -4.57 2.93
CA GLY A 26 -5.83 -5.13 4.01
C GLY A 26 -5.10 -6.24 4.74
N ASN A 27 -4.37 -7.06 3.99
CA ASN A 27 -3.62 -8.17 4.57
C ASN A 27 -2.39 -7.65 5.33
N ASN A 28 -1.88 -6.50 4.90
CA ASN A 28 -0.71 -5.90 5.53
C ASN A 28 -1.01 -5.53 6.98
N ALA A 29 -2.01 -4.67 7.17
CA ALA A 29 -2.40 -4.23 8.50
C ALA A 29 -2.75 -5.41 9.39
N ALA A 30 -3.24 -6.48 8.77
CA ALA A 30 -3.61 -7.69 9.51
C ALA A 30 -2.44 -8.21 10.32
N ALA A 31 -1.22 -7.91 9.87
CA ALA A 31 -0.02 -8.36 10.57
C ALA A 31 0.02 -7.84 12.00
N ASN A 32 -0.61 -6.69 12.23
CA ASN A 32 -0.65 -6.10 13.57
C ASN A 32 -1.68 -6.81 14.45
N LEU A 33 -2.74 -7.30 13.83
CA LEU A 33 -3.79 -8.01 14.56
C LEU A 33 -3.34 -9.42 14.92
N THR A 34 -2.69 -10.09 13.98
CA THR A 34 -2.20 -11.45 14.21
C THR A 34 -0.95 -11.45 15.07
N THR A 35 -0.21 -10.33 15.05
CA THR A 35 1.01 -10.21 15.82
C THR A 35 1.89 -11.45 15.67
N GLY A 36 1.89 -12.03 14.48
CA GLY A 36 2.68 -13.22 14.23
C GLY A 36 3.98 -12.90 13.52
N GLY A 37 3.96 -11.90 12.65
CA GLY A 37 5.15 -11.52 11.92
C GLY A 37 6.08 -10.64 12.74
N LYS A 38 6.22 -9.38 12.32
CA LYS A 38 7.08 -8.44 13.02
C LYS A 38 6.59 -7.01 12.82
N ALA A 39 6.40 -6.30 13.93
CA ALA A 39 5.94 -4.92 13.89
C ALA A 39 6.44 -4.13 15.09
N GLY A 40 6.34 -2.81 15.01
CA GLY A 40 6.79 -1.97 16.10
C GLY A 40 5.74 -0.94 16.51
N TRP A 41 4.69 -1.42 17.18
CA TRP A 41 3.62 -0.54 17.62
C TRP A 41 4.14 0.53 18.57
N LYS A 42 3.35 1.58 18.77
CA LYS A 42 3.74 2.67 19.65
C LYS A 42 4.06 2.14 21.05
N GLY A 43 3.03 1.71 21.77
CA GLY A 43 3.23 1.19 23.12
C GLY A 43 2.15 1.64 24.08
N LYS A 1 6.14 4.38 -6.44
CA LYS A 1 5.43 3.11 -6.50
C LYS A 1 4.63 2.99 -7.79
N TYR A 2 4.65 1.81 -8.39
CA TYR A 2 3.92 1.57 -9.63
C TYR A 2 3.14 0.25 -9.57
N TYR A 3 1.85 0.35 -9.29
CA TYR A 3 0.99 -0.83 -9.20
C TYR A 3 0.94 -1.56 -10.53
N GLY A 4 0.69 -0.81 -11.60
CA GLY A 4 0.61 -1.41 -12.92
C GLY A 4 -0.72 -1.14 -13.60
N ASN A 5 -1.31 0.01 -13.29
CA ASN A 5 -2.60 0.39 -13.87
C ASN A 5 -2.53 1.80 -14.45
N GLY A 6 -2.30 2.78 -13.59
CA GLY A 6 -2.22 4.16 -14.04
C GLY A 6 -1.50 5.05 -13.04
N VAL A 7 -0.67 4.45 -12.20
CA VAL A 7 0.08 5.19 -11.19
C VAL A 7 1.53 5.39 -11.61
N SER A 8 2.19 6.36 -10.99
CA SER A 8 3.58 6.65 -11.32
C SER A 8 3.72 7.19 -12.74
N CYS A 9 3.70 8.51 -12.87
CA CYS A 9 3.82 9.15 -14.18
C CYS A 9 5.28 9.44 -14.51
N ASN A 10 5.49 10.20 -15.58
CA ASN A 10 6.84 10.56 -16.00
C ASN A 10 7.10 12.05 -15.79
N LYS A 11 6.25 12.89 -16.38
CA LYS A 11 6.39 14.33 -16.25
C LYS A 11 5.03 15.02 -16.39
N LYS A 12 4.22 14.54 -17.32
CA LYS A 12 2.89 15.10 -17.55
C LYS A 12 2.12 15.22 -16.24
N GLY A 13 1.65 14.08 -15.73
CA GLY A 13 0.91 14.07 -14.48
C GLY A 13 0.60 12.68 -14.00
N CYS A 14 0.44 12.52 -12.69
CA CYS A 14 0.14 11.22 -12.10
C CYS A 14 -1.35 11.11 -11.76
N SER A 15 -1.75 9.95 -11.26
CA SER A 15 -3.14 9.72 -10.89
C SER A 15 -3.29 8.39 -10.15
N VAL A 16 -2.52 8.23 -9.08
CA VAL A 16 -2.57 7.01 -8.28
C VAL A 16 -4.00 6.62 -7.96
N ASP A 17 -4.49 5.56 -8.61
CA ASP A 17 -5.84 5.09 -8.39
C ASP A 17 -6.04 4.60 -6.96
N TRP A 18 -6.51 5.49 -6.09
CA TRP A 18 -6.73 5.16 -4.68
C TRP A 18 -8.07 4.47 -4.50
N GLY A 19 -8.22 3.28 -5.09
CA GLY A 19 -9.46 2.54 -4.97
C GLY A 19 -9.23 1.05 -4.80
N LYS A 20 -8.38 0.48 -5.65
CA LYS A 20 -8.08 -0.95 -5.58
C LYS A 20 -6.74 -1.18 -4.91
N ALA A 21 -6.33 -0.24 -4.06
CA ALA A 21 -5.06 -0.36 -3.34
C ALA A 21 -5.28 -0.50 -1.84
N ILE A 22 -6.38 0.06 -1.36
CA ILE A 22 -6.70 0.00 0.06
C ILE A 22 -7.25 -1.37 0.44
N GLY A 23 -7.83 -2.06 -0.55
CA GLY A 23 -8.39 -3.38 -0.29
C GLY A 23 -7.36 -4.49 -0.43
N ILE A 24 -6.10 -4.09 -0.66
CA ILE A 24 -5.03 -5.06 -0.81
C ILE A 24 -4.03 -4.95 0.34
N ILE A 25 -3.86 -3.74 0.87
CA ILE A 25 -2.95 -3.51 1.97
C ILE A 25 -3.34 -4.34 3.20
N GLY A 26 -4.64 -4.61 3.34
CA GLY A 26 -5.11 -5.39 4.46
C GLY A 26 -4.44 -6.74 4.55
N ASN A 27 -3.93 -7.22 3.42
CA ASN A 27 -3.25 -8.52 3.37
C ASN A 27 -1.78 -8.37 3.75
N ASN A 28 -1.15 -7.31 3.26
CA ASN A 28 0.26 -7.05 3.54
C ASN A 28 0.53 -7.07 5.04
N ALA A 29 -0.16 -6.22 5.78
CA ALA A 29 0.00 -6.14 7.23
C ALA A 29 -0.45 -7.44 7.90
N ALA A 30 -1.50 -8.05 7.34
CA ALA A 30 -2.03 -9.30 7.89
C ALA A 30 -0.92 -10.34 8.05
N ALA A 31 0.09 -10.24 7.20
CA ALA A 31 1.21 -11.18 7.25
C ALA A 31 1.99 -11.04 8.56
N ASN A 32 2.26 -9.80 8.95
CA ASN A 32 3.01 -9.52 10.17
C ASN A 32 2.08 -9.58 11.38
N LEU A 33 0.80 -9.34 11.16
CA LEU A 33 -0.19 -9.36 12.23
C LEU A 33 -0.33 -10.77 12.81
N THR A 34 -0.60 -11.74 11.93
CA THR A 34 -0.77 -13.12 12.35
C THR A 34 0.42 -13.59 13.20
N THR A 35 1.62 -13.21 12.77
CA THR A 35 2.83 -13.59 13.49
C THR A 35 3.06 -12.69 14.71
N GLY A 36 2.44 -11.51 14.68
CA GLY A 36 2.59 -10.58 15.78
C GLY A 36 2.75 -9.15 15.31
N GLY A 37 3.98 -8.78 14.95
CA GLY A 37 4.24 -7.43 14.48
C GLY A 37 5.67 -7.01 14.74
N LYS A 38 5.90 -5.70 14.75
CA LYS A 38 7.23 -5.15 14.98
C LYS A 38 7.18 -4.02 16.00
N ALA A 39 6.29 -3.07 15.78
CA ALA A 39 6.13 -1.94 16.68
C ALA A 39 4.70 -1.80 17.17
N GLY A 40 4.50 -1.01 18.23
CA GLY A 40 3.18 -0.83 18.78
C GLY A 40 3.10 0.35 19.74
N TRP A 41 3.90 1.37 19.47
CA TRP A 41 3.94 2.56 20.32
C TRP A 41 2.55 3.18 20.44
N LYS A 42 2.44 4.23 21.24
CA LYS A 42 1.16 4.91 21.45
C LYS A 42 1.23 6.35 20.95
N GLY A 43 1.20 6.52 19.63
CA GLY A 43 1.26 7.85 19.05
C GLY A 43 -0.09 8.56 19.11
N LYS A 1 3.64 10.30 -9.28
CA LYS A 1 4.70 9.49 -9.86
C LYS A 1 4.30 8.03 -9.94
N TYR A 2 5.25 7.17 -10.29
CA TYR A 2 4.99 5.74 -10.40
C TYR A 2 5.16 5.04 -9.06
N TYR A 3 4.05 4.87 -8.35
CA TYR A 3 4.08 4.22 -7.04
C TYR A 3 4.32 2.72 -7.18
N GLY A 4 3.74 2.13 -8.22
CA GLY A 4 3.91 0.71 -8.45
C GLY A 4 2.63 -0.07 -8.18
N ASN A 5 1.50 0.62 -8.22
CA ASN A 5 0.21 -0.02 -7.98
C ASN A 5 -0.75 0.21 -9.15
N GLY A 6 -0.18 0.42 -10.34
CA GLY A 6 -0.99 0.66 -11.51
C GLY A 6 -1.09 2.13 -11.87
N VAL A 7 -0.15 2.92 -11.36
CA VAL A 7 -0.15 4.36 -11.63
C VAL A 7 0.70 4.68 -12.86
N SER A 8 0.24 5.64 -13.64
CA SER A 8 0.95 6.04 -14.86
C SER A 8 0.69 7.51 -15.18
N CYS A 9 1.76 8.28 -15.33
CA CYS A 9 1.65 9.69 -15.64
C CYS A 9 3.02 10.33 -15.76
N ASN A 10 3.04 11.62 -16.12
CA ASN A 10 4.30 12.34 -16.28
C ASN A 10 4.14 13.79 -15.82
N LYS A 11 3.37 14.56 -16.59
CA LYS A 11 3.13 15.96 -16.27
C LYS A 11 1.91 16.49 -16.99
N LYS A 12 0.81 15.77 -16.90
CA LYS A 12 -0.43 16.16 -17.55
C LYS A 12 -1.65 15.64 -16.78
N GLY A 13 -1.62 14.36 -16.44
CA GLY A 13 -2.71 13.76 -15.70
C GLY A 13 -2.39 12.37 -15.19
N CYS A 14 -3.08 11.94 -14.15
CA CYS A 14 -2.86 10.62 -13.57
C CYS A 14 -4.14 9.78 -13.61
N SER A 15 -3.98 8.47 -13.72
CA SER A 15 -5.12 7.56 -13.78
C SER A 15 -4.85 6.29 -12.97
N VAL A 16 -4.26 6.47 -11.79
CA VAL A 16 -3.94 5.34 -10.93
C VAL A 16 -5.12 4.39 -10.80
N ASP A 17 -5.01 3.22 -11.42
CA ASP A 17 -6.06 2.21 -11.39
C ASP A 17 -6.31 1.75 -9.96
N TRP A 18 -7.28 2.36 -9.30
CA TRP A 18 -7.62 2.01 -7.93
C TRP A 18 -8.63 0.87 -7.90
N GLY A 19 -8.20 -0.30 -8.36
CA GLY A 19 -9.08 -1.46 -8.38
C GLY A 19 -8.37 -2.74 -7.94
N LYS A 20 -7.15 -2.92 -8.43
CA LYS A 20 -6.37 -4.10 -8.10
C LYS A 20 -5.52 -3.87 -6.85
N ALA A 21 -5.11 -2.61 -6.66
CA ALA A 21 -4.30 -2.24 -5.50
C ALA A 21 -5.15 -2.23 -4.23
N ILE A 22 -6.43 -1.98 -4.39
CA ILE A 22 -7.35 -1.92 -3.25
C ILE A 22 -7.34 -3.25 -2.48
N GLY A 23 -7.06 -4.32 -3.19
CA GLY A 23 -7.03 -5.64 -2.56
C GLY A 23 -5.63 -6.02 -2.10
N ILE A 24 -4.76 -5.03 -1.96
CA ILE A 24 -3.39 -5.27 -1.52
C ILE A 24 -3.15 -4.71 -0.12
N ILE A 25 -3.89 -3.66 0.22
CA ILE A 25 -3.75 -3.03 1.53
C ILE A 25 -4.12 -3.99 2.65
N GLY A 26 -5.03 -4.91 2.34
CA GLY A 26 -5.45 -5.88 3.34
C GLY A 26 -4.30 -6.71 3.87
N ASN A 27 -3.31 -6.96 3.02
CA ASN A 27 -2.15 -7.75 3.42
C ASN A 27 -1.16 -6.89 4.21
N ASN A 28 -1.08 -5.61 3.85
CA ASN A 28 -0.17 -4.69 4.52
C ASN A 28 -0.68 -4.34 5.92
N ALA A 29 -1.96 -3.97 6.01
CA ALA A 29 -2.56 -3.62 7.28
C ALA A 29 -2.70 -4.84 8.18
N ALA A 30 -2.86 -6.01 7.56
CA ALA A 30 -3.00 -7.25 8.31
C ALA A 30 -1.84 -7.45 9.28
N ALA A 31 -0.64 -7.08 8.85
CA ALA A 31 0.54 -7.21 9.69
C ALA A 31 0.42 -6.38 10.96
N ASN A 32 -0.39 -5.33 10.89
CA ASN A 32 -0.60 -4.45 12.05
C ASN A 32 -1.64 -5.05 12.99
N LEU A 33 -2.55 -5.85 12.44
CA LEU A 33 -3.59 -6.48 13.25
C LEU A 33 -3.06 -7.71 13.97
N THR A 34 -2.38 -8.59 13.22
CA THR A 34 -1.82 -9.81 13.80
C THR A 34 -0.55 -9.50 14.58
N THR A 35 0.13 -8.42 14.22
CA THR A 35 1.37 -8.02 14.88
C THR A 35 2.34 -9.19 14.99
N GLY A 36 2.38 -10.02 13.95
CA GLY A 36 3.27 -11.16 13.96
C GLY A 36 4.73 -10.77 13.85
N GLY A 37 5.08 -10.10 12.75
CA GLY A 37 6.45 -9.67 12.55
C GLY A 37 6.68 -8.23 12.96
N LYS A 38 6.38 -7.91 14.21
CA LYS A 38 6.55 -6.56 14.72
C LYS A 38 7.39 -6.56 15.99
N ALA A 39 8.04 -5.45 16.26
CA ALA A 39 8.87 -5.32 17.46
C ALA A 39 9.23 -3.86 17.72
N GLY A 40 9.49 -3.53 18.98
CA GLY A 40 9.85 -2.17 19.34
C GLY A 40 8.78 -1.49 20.17
N TRP A 41 8.45 -2.08 21.31
CA TRP A 41 7.42 -1.52 22.20
C TRP A 41 7.90 -1.50 23.64
N LYS A 42 9.20 -1.24 23.82
CA LYS A 42 9.78 -1.19 25.17
C LYS A 42 9.56 -2.50 25.90
N GLY A 43 9.86 -3.61 25.23
CA GLY A 43 9.70 -4.92 25.84
C GLY A 43 8.24 -5.31 25.97
N LYS A 1 8.01 8.64 -9.42
CA LYS A 1 7.56 7.93 -8.22
C LYS A 1 7.02 6.55 -8.57
N TYR A 2 7.20 5.61 -7.66
CA TYR A 2 6.73 4.24 -7.87
C TYR A 2 6.57 3.51 -6.54
N TYR A 3 5.43 2.84 -6.37
CA TYR A 3 5.15 2.11 -5.15
C TYR A 3 5.16 0.60 -5.41
N GLY A 4 4.21 0.14 -6.21
CA GLY A 4 4.14 -1.28 -6.53
C GLY A 4 2.77 -1.68 -7.04
N ASN A 5 1.73 -0.98 -6.58
CA ASN A 5 0.36 -1.27 -7.01
C ASN A 5 0.17 -0.95 -8.49
N GLY A 6 0.97 -0.01 -8.99
CA GLY A 6 0.88 0.38 -10.38
C GLY A 6 0.85 1.88 -10.57
N VAL A 7 1.63 2.59 -9.74
CA VAL A 7 1.69 4.04 -9.82
C VAL A 7 2.69 4.49 -10.88
N SER A 8 2.42 5.64 -11.49
CA SER A 8 3.30 6.17 -12.52
C SER A 8 3.09 7.68 -12.69
N CYS A 9 4.17 8.41 -12.89
CA CYS A 9 4.11 9.86 -13.06
C CYS A 9 5.08 10.32 -14.14
N ASN A 10 4.76 11.44 -14.78
CA ASN A 10 5.60 11.99 -15.84
C ASN A 10 5.71 13.51 -15.71
N LYS A 11 4.65 14.21 -16.08
CA LYS A 11 4.62 15.66 -16.01
C LYS A 11 3.27 16.16 -15.52
N LYS A 12 2.20 15.54 -16.00
CA LYS A 12 0.85 15.91 -15.61
C LYS A 12 0.66 15.79 -14.09
N GLY A 13 1.16 14.68 -13.53
CA GLY A 13 1.05 14.46 -12.10
C GLY A 13 1.29 13.02 -11.72
N CYS A 14 0.35 12.15 -12.06
CA CYS A 14 0.48 10.73 -11.75
C CYS A 14 -0.73 9.95 -12.27
N SER A 15 -0.77 8.66 -11.96
CA SER A 15 -1.87 7.80 -12.40
C SER A 15 -1.99 6.58 -11.50
N VAL A 16 -1.80 6.78 -10.20
CA VAL A 16 -1.89 5.70 -9.24
C VAL A 16 -3.20 4.93 -9.39
N ASP A 17 -3.10 3.68 -9.85
CA ASP A 17 -4.28 2.84 -10.04
C ASP A 17 -4.85 2.39 -8.69
N TRP A 18 -5.70 3.22 -8.11
CA TRP A 18 -6.31 2.90 -6.82
C TRP A 18 -7.42 1.86 -6.99
N GLY A 19 -7.03 0.64 -7.31
CA GLY A 19 -7.99 -0.43 -7.50
C GLY A 19 -7.50 -1.77 -6.98
N LYS A 20 -6.21 -2.04 -7.21
CA LYS A 20 -5.61 -3.29 -6.76
C LYS A 20 -4.87 -3.11 -5.44
N ALA A 21 -4.44 -1.88 -5.18
CA ALA A 21 -3.71 -1.56 -3.96
C ALA A 21 -4.62 -1.69 -2.74
N ILE A 22 -5.90 -1.35 -2.91
CA ILE A 22 -6.86 -1.43 -1.83
C ILE A 22 -6.86 -2.82 -1.19
N GLY A 23 -6.75 -3.84 -2.03
CA GLY A 23 -6.73 -5.20 -1.54
C GLY A 23 -5.52 -5.50 -0.67
N ILE A 24 -4.47 -4.71 -0.84
CA ILE A 24 -3.25 -4.89 -0.07
C ILE A 24 -3.39 -4.28 1.33
N ILE A 25 -4.14 -3.19 1.41
CA ILE A 25 -4.36 -2.51 2.69
C ILE A 25 -4.82 -3.49 3.76
N GLY A 26 -5.53 -4.53 3.34
CA GLY A 26 -6.02 -5.52 4.27
C GLY A 26 -4.91 -6.35 4.88
N ASN A 27 -4.10 -6.97 4.02
CA ASN A 27 -2.99 -7.80 4.48
C ASN A 27 -2.12 -7.04 5.47
N ASN A 28 -1.84 -5.78 5.16
CA ASN A 28 -1.01 -4.94 6.02
C ASN A 28 -1.64 -4.81 7.40
N ALA A 29 -2.87 -4.31 7.44
CA ALA A 29 -3.58 -4.13 8.71
C ALA A 29 -3.79 -5.46 9.42
N ALA A 30 -3.67 -6.55 8.66
CA ALA A 30 -3.84 -7.89 9.22
C ALA A 30 -2.51 -8.45 9.71
N ALA A 31 -1.50 -7.59 9.80
CA ALA A 31 -0.19 -8.00 10.26
C ALA A 31 0.08 -7.51 11.68
N ASN A 32 -0.74 -6.57 12.14
CA ASN A 32 -0.59 -6.01 13.47
C ASN A 32 -1.79 -6.37 14.35
N LEU A 33 -2.88 -6.76 13.71
CA LEU A 33 -4.10 -7.13 14.42
C LEU A 33 -3.84 -8.33 15.34
N THR A 34 -2.77 -9.06 15.06
CA THR A 34 -2.42 -10.23 15.86
C THR A 34 -1.07 -10.03 16.56
N THR A 35 -0.19 -9.26 15.93
CA THR A 35 1.12 -8.99 16.48
C THR A 35 1.93 -10.28 16.65
N GLY A 36 1.84 -11.15 15.65
CA GLY A 36 2.57 -12.41 15.70
C GLY A 36 3.90 -12.35 14.98
N GLY A 37 4.00 -11.45 14.01
CA GLY A 37 5.23 -11.31 13.26
C GLY A 37 6.13 -10.23 13.82
N LYS A 38 6.65 -9.37 12.94
CA LYS A 38 7.54 -8.29 13.36
C LYS A 38 6.76 -6.99 13.53
N ALA A 39 7.05 -6.28 14.63
CA ALA A 39 6.37 -5.02 14.91
C ALA A 39 7.26 -3.83 14.54
N GLY A 40 6.71 -2.63 14.68
CA GLY A 40 7.47 -1.43 14.35
C GLY A 40 6.65 -0.17 14.53
N TRP A 41 5.68 0.03 13.64
CA TRP A 41 4.82 1.21 13.71
C TRP A 41 3.36 0.82 13.88
N LYS A 42 2.48 1.81 13.91
CA LYS A 42 1.05 1.58 14.08
C LYS A 42 0.33 1.69 12.75
N GLY A 43 -0.07 0.56 12.18
CA GLY A 43 -0.78 0.56 10.91
C GLY A 43 -2.25 0.85 11.06
N LYS A 1 1.19 10.58 -17.85
CA LYS A 1 0.48 9.34 -18.10
C LYS A 1 -0.72 9.20 -17.17
N TYR A 2 -1.81 8.62 -17.68
CA TYR A 2 -3.02 8.44 -16.89
C TYR A 2 -4.03 7.56 -17.63
N TYR A 3 -4.13 6.31 -17.20
CA TYR A 3 -5.04 5.36 -17.82
C TYR A 3 -6.48 5.66 -17.43
N GLY A 4 -6.71 5.85 -16.13
CA GLY A 4 -8.04 6.14 -15.64
C GLY A 4 -8.54 5.12 -14.65
N ASN A 5 -7.60 4.39 -14.03
CA ASN A 5 -7.94 3.37 -13.06
C ASN A 5 -7.39 3.72 -11.68
N GLY A 6 -6.48 4.69 -11.65
CA GLY A 6 -5.88 5.11 -10.39
C GLY A 6 -4.55 5.83 -10.58
N VAL A 7 -3.93 5.60 -11.73
CA VAL A 7 -2.65 6.22 -12.05
C VAL A 7 -2.69 7.73 -11.78
N SER A 8 -1.80 8.19 -10.91
CA SER A 8 -1.74 9.61 -10.57
C SER A 8 -0.57 9.89 -9.62
N CYS A 9 -0.28 11.16 -9.41
CA CYS A 9 0.80 11.58 -8.54
C CYS A 9 0.71 10.87 -7.18
N ASN A 10 1.86 10.66 -6.55
CA ASN A 10 1.90 10.00 -5.25
C ASN A 10 2.93 10.64 -4.34
N LYS A 11 4.15 10.83 -4.87
CA LYS A 11 5.22 11.45 -4.11
C LYS A 11 6.05 12.38 -4.98
N LYS A 12 6.79 11.78 -5.93
CA LYS A 12 7.62 12.56 -6.84
C LYS A 12 7.18 12.37 -8.28
N GLY A 13 6.67 11.18 -8.59
CA GLY A 13 6.20 10.89 -9.93
C GLY A 13 4.74 10.51 -9.97
N CYS A 14 4.16 10.53 -11.18
CA CYS A 14 2.75 10.18 -11.35
C CYS A 14 2.60 8.93 -12.20
N SER A 15 2.37 7.79 -11.53
CA SER A 15 2.21 6.52 -12.22
C SER A 15 1.93 5.39 -11.24
N VAL A 16 0.76 5.45 -10.61
CA VAL A 16 0.37 4.43 -9.64
C VAL A 16 -1.14 4.25 -9.62
N ASP A 17 -1.60 3.06 -9.99
CA ASP A 17 -3.02 2.76 -10.02
C ASP A 17 -3.58 2.65 -8.60
N TRP A 18 -3.99 3.79 -8.04
CA TRP A 18 -4.53 3.82 -6.70
C TRP A 18 -5.94 3.24 -6.67
N GLY A 19 -6.04 1.93 -6.84
CA GLY A 19 -7.33 1.28 -6.82
C GLY A 19 -7.26 -0.15 -6.30
N LYS A 20 -6.26 -0.90 -6.76
CA LYS A 20 -6.07 -2.27 -6.34
C LYS A 20 -5.05 -2.37 -5.21
N ALA A 21 -4.13 -1.40 -5.17
CA ALA A 21 -3.11 -1.38 -4.14
C ALA A 21 -3.71 -1.24 -2.75
N ILE A 22 -4.91 -0.67 -2.70
CA ILE A 22 -5.61 -0.47 -1.42
C ILE A 22 -6.22 -1.78 -0.93
N GLY A 23 -6.49 -2.69 -1.85
CA GLY A 23 -7.07 -3.98 -1.48
C GLY A 23 -6.02 -4.97 -1.03
N ILE A 24 -4.76 -4.71 -1.38
CA ILE A 24 -3.67 -5.59 -0.99
C ILE A 24 -3.28 -5.39 0.47
N ILE A 25 -3.32 -4.14 0.91
CA ILE A 25 -2.97 -3.81 2.28
C ILE A 25 -3.77 -4.65 3.27
N GLY A 26 -5.00 -4.98 2.89
CA GLY A 26 -5.85 -5.77 3.76
C GLY A 26 -5.18 -7.05 4.21
N ASN A 27 -4.58 -7.78 3.27
CA ASN A 27 -3.89 -9.03 3.60
C ASN A 27 -2.43 -8.77 3.94
N ASN A 28 -1.88 -7.70 3.38
CA ASN A 28 -0.48 -7.35 3.64
C ASN A 28 -0.26 -7.03 5.11
N ALA A 29 -1.18 -6.27 5.69
CA ALA A 29 -1.09 -5.90 7.10
C ALA A 29 -1.56 -7.04 8.01
N ALA A 30 -2.52 -7.80 7.52
CA ALA A 30 -3.07 -8.93 8.28
C ALA A 30 -1.96 -9.91 8.66
N ALA A 31 -0.91 -9.96 7.85
CA ALA A 31 0.21 -10.85 8.09
C ALA A 31 0.81 -10.61 9.47
N ASN A 32 0.67 -9.39 9.96
CA ASN A 32 1.21 -9.02 11.27
C ASN A 32 0.17 -9.25 12.37
N LEU A 33 -1.11 -9.14 12.00
CA LEU A 33 -2.19 -9.33 12.95
C LEU A 33 -2.17 -10.74 13.54
N THR A 34 -1.59 -11.68 12.79
CA THR A 34 -1.50 -13.06 13.24
C THR A 34 -0.04 -13.49 13.40
N THR A 35 0.83 -12.89 12.59
CA THR A 35 2.26 -13.21 12.64
C THR A 35 3.08 -11.98 12.97
N GLY A 36 2.63 -11.21 13.96
CA GLY A 36 3.34 -10.00 14.36
C GLY A 36 3.05 -9.61 15.79
N GLY A 37 3.89 -10.07 16.72
CA GLY A 37 3.69 -9.73 18.11
C GLY A 37 3.66 -8.25 18.36
N LYS A 38 4.83 -7.65 18.55
CA LYS A 38 4.94 -6.22 18.80
C LYS A 38 5.39 -5.48 17.54
N ALA A 39 4.83 -4.29 17.33
CA ALA A 39 5.18 -3.48 16.16
C ALA A 39 6.03 -2.28 16.56
N GLY A 40 6.66 -1.66 15.57
CA GLY A 40 7.50 -0.50 15.85
C GLY A 40 8.17 0.03 14.60
N TRP A 41 7.49 0.90 13.88
CA TRP A 41 8.03 1.48 12.65
C TRP A 41 9.34 2.22 12.93
N LYS A 42 9.53 2.62 14.18
CA LYS A 42 10.74 3.32 14.58
C LYS A 42 10.81 3.46 16.10
N GLY A 43 9.89 4.23 16.68
CA GLY A 43 9.87 4.42 18.11
C GLY A 43 11.21 4.88 18.65
N LYS A 1 6.60 10.12 -11.59
CA LYS A 1 6.43 9.31 -10.39
C LYS A 1 5.86 7.94 -10.74
N TYR A 2 6.10 6.97 -9.85
CA TYR A 2 5.62 5.61 -10.06
C TYR A 2 5.78 4.77 -8.79
N TYR A 3 4.66 4.30 -8.25
CA TYR A 3 4.67 3.50 -7.03
C TYR A 3 4.95 2.04 -7.37
N GLY A 4 4.20 1.49 -8.31
CA GLY A 4 4.37 0.10 -8.70
C GLY A 4 3.06 -0.66 -8.73
N ASN A 5 2.15 -0.30 -7.84
CA ASN A 5 0.85 -0.97 -7.77
C ASN A 5 0.07 -0.77 -9.07
N GLY A 6 0.39 0.29 -9.79
CA GLY A 6 -0.28 0.56 -11.05
C GLY A 6 -0.73 2.01 -11.17
N VAL A 7 0.07 2.92 -10.64
CA VAL A 7 -0.25 4.34 -10.67
C VAL A 7 0.56 5.06 -11.76
N SER A 8 -0.11 5.89 -12.54
CA SER A 8 0.54 6.63 -13.61
C SER A 8 0.54 8.13 -13.31
N CYS A 9 1.69 8.63 -12.89
CA CYS A 9 1.84 10.05 -12.57
C CYS A 9 3.08 10.64 -13.23
N ASN A 10 2.87 11.60 -14.12
CA ASN A 10 3.97 12.24 -14.82
C ASN A 10 3.85 13.77 -14.75
N LYS A 11 2.92 14.32 -15.52
CA LYS A 11 2.69 15.76 -15.54
C LYS A 11 1.22 16.08 -15.42
N LYS A 12 0.39 15.35 -16.16
CA LYS A 12 -1.06 15.56 -16.14
C LYS A 12 -1.58 15.48 -14.70
N GLY A 13 -0.89 14.71 -13.86
CA GLY A 13 -1.31 14.57 -12.49
C GLY A 13 -1.23 13.13 -12.01
N CYS A 14 -2.22 12.32 -12.37
CA CYS A 14 -2.25 10.93 -11.98
C CYS A 14 -3.25 10.14 -12.83
N SER A 15 -3.24 8.82 -12.68
CA SER A 15 -4.13 7.96 -13.44
C SER A 15 -4.31 6.61 -12.75
N VAL A 16 -4.28 6.62 -11.42
CA VAL A 16 -4.44 5.40 -10.65
C VAL A 16 -5.68 4.62 -11.07
N ASP A 17 -5.46 3.47 -11.69
CA ASP A 17 -6.56 2.63 -12.16
C ASP A 17 -7.31 2.03 -10.97
N TRP A 18 -6.65 1.96 -9.82
CA TRP A 18 -7.25 1.39 -8.62
C TRP A 18 -7.69 -0.04 -8.85
N GLY A 19 -6.73 -0.90 -9.18
CA GLY A 19 -7.04 -2.30 -9.43
C GLY A 19 -6.04 -3.23 -8.78
N LYS A 20 -4.77 -2.85 -8.80
CA LYS A 20 -3.71 -3.65 -8.21
C LYS A 20 -3.03 -2.92 -7.06
N ALA A 21 -3.77 -1.99 -6.45
CA ALA A 21 -3.25 -1.22 -5.33
C ALA A 21 -4.09 -1.42 -4.09
N ILE A 22 -5.38 -1.66 -4.28
CA ILE A 22 -6.30 -1.89 -3.17
C ILE A 22 -5.88 -3.10 -2.35
N GLY A 23 -6.07 -3.00 -1.03
CA GLY A 23 -5.71 -4.10 -0.15
C GLY A 23 -4.27 -4.01 0.32
N ILE A 24 -3.45 -3.29 -0.43
CA ILE A 24 -2.04 -3.13 -0.09
C ILE A 24 -1.80 -1.82 0.68
N ILE A 25 -2.70 -0.86 0.48
CA ILE A 25 -2.60 0.43 1.15
C ILE A 25 -2.42 0.25 2.65
N GLY A 26 -3.12 -0.72 3.22
CA GLY A 26 -3.04 -0.97 4.65
C GLY A 26 -1.86 -1.86 5.01
N ASN A 27 -1.47 -2.72 4.07
CA ASN A 27 -0.35 -3.63 4.30
C ASN A 27 0.97 -2.86 4.39
N ASN A 28 1.03 -1.73 3.69
CA ASN A 28 2.23 -0.90 3.68
C ASN A 28 2.56 -0.42 5.10
N ALA A 29 1.57 0.14 5.77
CA ALA A 29 1.75 0.64 7.13
C ALA A 29 1.92 -0.51 8.12
N ALA A 30 1.23 -1.62 7.85
CA ALA A 30 1.31 -2.79 8.72
C ALA A 30 2.76 -3.23 8.91
N ALA A 31 3.51 -3.30 7.82
CA ALA A 31 4.90 -3.71 7.88
C ALA A 31 5.71 -2.79 8.79
N ASN A 32 5.25 -1.56 8.93
CA ASN A 32 5.93 -0.58 9.79
C ASN A 32 5.45 -0.69 11.22
N LEU A 33 4.19 -1.09 11.40
CA LEU A 33 3.61 -1.23 12.73
C LEU A 33 4.21 -2.41 13.47
N THR A 34 4.26 -3.55 12.80
CA THR A 34 4.83 -4.76 13.38
C THR A 34 6.25 -4.52 13.89
N THR A 35 6.95 -3.60 13.25
CA THR A 35 8.31 -3.27 13.63
C THR A 35 8.38 -1.94 14.39
N GLY A 36 7.26 -1.58 15.03
CA GLY A 36 7.21 -0.34 15.78
C GLY A 36 7.16 -0.57 17.28
N GLY A 37 6.29 -1.48 17.71
CA GLY A 37 6.16 -1.77 19.12
C GLY A 37 5.88 -3.24 19.38
N LYS A 38 4.70 -3.52 19.91
CA LYS A 38 4.29 -4.89 20.22
C LYS A 38 3.19 -5.36 19.27
N ALA A 39 2.93 -6.66 19.27
CA ALA A 39 1.90 -7.23 18.41
C ALA A 39 0.96 -8.14 19.20
N GLY A 40 0.00 -8.73 18.52
CA GLY A 40 -0.95 -9.62 19.18
C GLY A 40 -1.15 -10.91 18.44
N TRP A 41 -0.06 -11.67 18.27
CA TRP A 41 -0.13 -12.94 17.57
C TRP A 41 -1.12 -13.89 18.23
N LYS A 42 -1.25 -13.75 19.54
CA LYS A 42 -2.16 -14.60 20.31
C LYS A 42 -2.16 -14.21 21.79
N GLY A 43 -2.80 -15.03 22.61
CA GLY A 43 -2.85 -14.75 24.04
C GLY A 43 -4.24 -14.98 24.62
N LYS A 1 4.94 3.23 -16.99
CA LYS A 1 5.09 3.72 -15.61
C LYS A 1 4.10 3.02 -14.68
N TYR A 2 4.56 2.69 -13.48
CA TYR A 2 3.72 2.02 -12.50
C TYR A 2 4.34 2.09 -11.10
N TYR A 3 3.63 2.73 -10.18
CA TYR A 3 4.11 2.87 -8.81
C TYR A 3 3.72 1.67 -7.97
N GLY A 4 2.49 1.20 -8.17
CA GLY A 4 2.01 0.05 -7.41
C GLY A 4 0.65 0.31 -6.77
N ASN A 5 0.32 1.58 -6.60
CA ASN A 5 -0.96 1.96 -5.99
C ASN A 5 -2.01 2.24 -7.06
N GLY A 6 -1.80 1.68 -8.25
CA GLY A 6 -2.73 1.88 -9.35
C GLY A 6 -2.61 3.26 -9.96
N VAL A 7 -1.39 3.77 -10.02
CA VAL A 7 -1.15 5.09 -10.59
C VAL A 7 -0.70 4.98 -12.05
N SER A 8 -1.16 5.91 -12.87
CA SER A 8 -0.82 5.92 -14.28
C SER A 8 -0.45 7.33 -14.75
N CYS A 9 0.82 7.54 -15.05
CA CYS A 9 1.31 8.84 -15.50
C CYS A 9 2.80 8.79 -15.79
N ASN A 10 3.37 9.96 -16.11
CA ASN A 10 4.79 10.05 -16.41
C ASN A 10 5.31 11.46 -16.13
N LYS A 11 4.78 12.43 -16.86
CA LYS A 11 5.18 13.82 -16.69
C LYS A 11 3.98 14.77 -16.84
N LYS A 12 3.11 14.45 -17.80
CA LYS A 12 1.93 15.27 -18.03
C LYS A 12 1.18 15.52 -16.74
N GLY A 13 0.65 14.47 -16.13
CA GLY A 13 -0.09 14.60 -14.89
C GLY A 13 -0.45 13.26 -14.28
N CYS A 14 -0.61 13.23 -12.97
CA CYS A 14 -0.95 12.00 -12.27
C CYS A 14 -2.45 11.95 -11.96
N SER A 15 -3.00 10.75 -11.94
CA SER A 15 -4.43 10.57 -11.68
C SER A 15 -4.71 9.13 -11.25
N VAL A 16 -4.03 8.68 -10.21
CA VAL A 16 -4.22 7.32 -9.70
C VAL A 16 -5.70 7.01 -9.50
N ASP A 17 -6.23 6.14 -10.36
CA ASP A 17 -7.63 5.75 -10.28
C ASP A 17 -7.96 5.23 -8.88
N TRP A 18 -6.96 4.71 -8.19
CA TRP A 18 -7.14 4.17 -6.85
C TRP A 18 -8.17 3.03 -6.85
N GLY A 19 -8.08 2.19 -7.87
CA GLY A 19 -9.00 1.06 -7.99
C GLY A 19 -8.28 -0.27 -8.01
N LYS A 20 -7.08 -0.28 -8.59
CA LYS A 20 -6.29 -1.50 -8.67
C LYS A 20 -5.31 -1.60 -7.52
N ALA A 21 -5.56 -0.84 -6.46
CA ALA A 21 -4.71 -0.84 -5.28
C ALA A 21 -5.50 -1.20 -4.03
N ILE A 22 -6.76 -0.78 -3.99
CA ILE A 22 -7.62 -1.06 -2.84
C ILE A 22 -7.61 -2.54 -2.49
N GLY A 23 -7.70 -2.85 -1.21
CA GLY A 23 -7.70 -4.23 -0.76
C GLY A 23 -6.31 -4.76 -0.50
N ILE A 24 -5.36 -4.36 -1.36
CA ILE A 24 -3.98 -4.80 -1.22
C ILE A 24 -3.23 -3.97 -0.18
N ILE A 25 -3.71 -2.74 0.02
CA ILE A 25 -3.09 -1.84 0.99
C ILE A 25 -3.18 -2.40 2.39
N GLY A 26 -4.31 -3.04 2.70
CA GLY A 26 -4.51 -3.62 4.02
C GLY A 26 -3.82 -4.95 4.18
N ASN A 27 -3.84 -5.76 3.12
CA ASN A 27 -3.21 -7.07 3.15
C ASN A 27 -1.72 -6.96 3.44
N ASN A 28 -1.07 -5.97 2.82
CA ASN A 28 0.36 -5.75 3.02
C ASN A 28 0.68 -5.54 4.50
N ALA A 29 -0.11 -4.68 5.14
CA ALA A 29 0.10 -4.39 6.56
C ALA A 29 -0.22 -5.61 7.42
N ALA A 30 -1.09 -6.49 6.91
CA ALA A 30 -1.47 -7.69 7.64
C ALA A 30 -0.24 -8.57 7.93
N ALA A 31 0.75 -8.49 7.06
CA ALA A 31 1.98 -9.27 7.24
C ALA A 31 2.69 -8.89 8.52
N ASN A 32 2.47 -7.66 8.98
CA ASN A 32 3.10 -7.17 10.21
C ASN A 32 2.38 -7.74 11.44
N LEU A 33 1.08 -7.98 11.29
CA LEU A 33 0.28 -8.51 12.39
C LEU A 33 0.72 -9.93 12.75
N THR A 34 1.21 -10.65 11.76
CA THR A 34 1.67 -12.03 11.97
C THR A 34 3.19 -12.09 12.06
N THR A 35 3.85 -11.13 11.44
CA THR A 35 5.32 -11.08 11.45
C THR A 35 5.81 -9.71 11.90
N GLY A 36 5.63 -9.41 13.18
CA GLY A 36 6.06 -8.12 13.72
C GLY A 36 7.29 -8.25 14.59
N GLY A 37 7.09 -8.28 15.90
CA GLY A 37 8.20 -8.40 16.83
C GLY A 37 7.91 -7.73 18.16
N LYS A 38 7.69 -6.42 18.12
CA LYS A 38 7.42 -5.66 19.34
C LYS A 38 5.99 -5.14 19.33
N ALA A 39 5.61 -4.46 20.41
CA ALA A 39 4.27 -3.91 20.53
C ALA A 39 4.31 -2.41 20.82
N GLY A 40 3.28 -1.70 20.37
CA GLY A 40 3.23 -0.26 20.59
C GLY A 40 2.89 0.10 22.03
N TRP A 41 2.08 -0.73 22.67
CA TRP A 41 1.68 -0.49 24.06
C TRP A 41 2.36 -1.49 24.98
N LYS A 42 2.55 -1.09 26.23
CA LYS A 42 3.18 -1.96 27.24
C LYS A 42 2.30 -3.16 27.53
N GLY A 43 2.54 -4.25 26.81
CA GLY A 43 1.77 -5.47 27.01
C GLY A 43 2.00 -6.08 28.39
N LYS A 1 6.28 10.75 -14.43
CA LYS A 1 6.11 10.66 -12.98
C LYS A 1 5.60 9.27 -12.59
N TYR A 2 5.67 8.98 -11.30
CA TYR A 2 5.22 7.68 -10.79
C TYR A 2 5.32 7.63 -9.26
N TYR A 3 4.25 7.22 -8.60
CA TYR A 3 4.23 7.12 -7.16
C TYR A 3 4.82 5.79 -6.69
N GLY A 4 4.06 4.71 -6.88
CA GLY A 4 4.52 3.40 -6.47
C GLY A 4 3.44 2.34 -6.58
N ASN A 5 2.20 2.73 -6.32
CA ASN A 5 1.07 1.81 -6.39
C ASN A 5 0.76 1.43 -7.84
N GLY A 6 0.41 2.44 -8.64
CA GLY A 6 0.10 2.19 -10.04
C GLY A 6 -0.46 3.42 -10.74
N VAL A 7 0.06 4.59 -10.35
CA VAL A 7 -0.39 5.85 -10.94
C VAL A 7 0.47 6.22 -12.14
N SER A 8 -0.18 6.61 -13.24
CA SER A 8 0.52 6.99 -14.45
C SER A 8 0.28 8.46 -14.79
N CYS A 9 1.29 9.28 -14.55
CA CYS A 9 1.19 10.72 -14.81
C CYS A 9 2.46 11.24 -15.49
N ASN A 10 2.32 11.75 -16.70
CA ASN A 10 3.46 12.28 -17.45
C ASN A 10 3.14 13.66 -18.02
N LYS A 11 2.23 13.69 -18.99
CA LYS A 11 1.83 14.94 -19.62
C LYS A 11 0.32 15.00 -19.82
N LYS A 12 -0.24 13.91 -20.33
CA LYS A 12 -1.68 13.83 -20.58
C LYS A 12 -2.46 14.19 -19.33
N GLY A 13 -2.12 13.56 -18.21
CA GLY A 13 -2.80 13.83 -16.96
C GLY A 13 -2.53 12.77 -15.91
N CYS A 14 -3.49 11.86 -15.73
CA CYS A 14 -3.35 10.80 -14.75
C CYS A 14 -4.23 9.60 -15.12
N SER A 15 -3.95 8.46 -14.49
CA SER A 15 -4.71 7.25 -14.76
C SER A 15 -4.55 6.25 -13.62
N VAL A 16 -4.55 6.76 -12.39
CA VAL A 16 -4.40 5.91 -11.21
C VAL A 16 -5.39 4.75 -11.25
N ASP A 17 -4.86 3.54 -11.44
CA ASP A 17 -5.69 2.34 -11.49
C ASP A 17 -6.21 1.98 -10.10
N TRP A 18 -7.34 2.57 -9.73
CA TRP A 18 -7.95 2.32 -8.43
C TRP A 18 -8.65 0.96 -8.41
N GLY A 19 -7.85 -0.10 -8.44
CA GLY A 19 -8.40 -1.45 -8.43
C GLY A 19 -7.51 -2.44 -7.71
N LYS A 20 -6.31 -2.66 -8.25
CA LYS A 20 -5.37 -3.58 -7.65
C LYS A 20 -4.58 -2.91 -6.53
N ALA A 21 -4.44 -1.59 -6.62
CA ALA A 21 -3.72 -0.83 -5.61
C ALA A 21 -4.39 -0.94 -4.25
N ILE A 22 -5.71 -1.05 -4.25
CA ILE A 22 -6.48 -1.16 -3.01
C ILE A 22 -6.00 -2.35 -2.18
N GLY A 23 -5.82 -3.50 -2.84
CA GLY A 23 -5.38 -4.69 -2.15
C GLY A 23 -4.00 -4.52 -1.54
N ILE A 24 -3.24 -3.55 -2.05
CA ILE A 24 -1.90 -3.29 -1.56
C ILE A 24 -1.94 -2.60 -0.20
N ILE A 25 -2.98 -1.82 0.03
CA ILE A 25 -3.14 -1.12 1.30
C ILE A 25 -3.45 -2.07 2.43
N GLY A 26 -4.10 -3.19 2.10
CA GLY A 26 -4.45 -4.18 3.10
C GLY A 26 -3.36 -5.21 3.30
N ASN A 27 -2.50 -5.37 2.30
CA ASN A 27 -1.41 -6.33 2.36
C ASN A 27 -0.22 -5.75 3.13
N ASN A 28 0.16 -4.53 2.79
CA ASN A 28 1.27 -3.87 3.45
C ASN A 28 1.04 -3.76 4.95
N ALA A 29 -0.18 -3.41 5.33
CA ALA A 29 -0.53 -3.28 6.74
C ALA A 29 -0.73 -4.64 7.39
N ALA A 30 -1.07 -5.63 6.57
CA ALA A 30 -1.29 -6.99 7.06
C ALA A 30 -0.03 -7.53 7.73
N ALA A 31 1.13 -7.02 7.32
CA ALA A 31 2.40 -7.46 7.89
C ALA A 31 2.50 -7.10 9.36
N ASN A 32 1.80 -6.03 9.76
CA ASN A 32 1.82 -5.58 11.14
C ASN A 32 0.68 -6.23 11.94
N LEU A 33 -0.43 -6.50 11.25
CA LEU A 33 -1.59 -7.12 11.89
C LEU A 33 -1.29 -8.57 12.27
N THR A 34 -0.76 -9.32 11.31
CA THR A 34 -0.43 -10.73 11.55
C THR A 34 0.51 -10.88 12.75
N THR A 35 1.32 -9.87 12.98
CA THR A 35 2.27 -9.89 14.09
C THR A 35 1.82 -8.96 15.21
N GLY A 36 0.51 -8.94 15.46
CA GLY A 36 -0.03 -8.10 16.51
C GLY A 36 -0.39 -8.88 17.76
N GLY A 37 0.43 -9.88 18.08
CA GLY A 37 0.18 -10.69 19.26
C GLY A 37 0.68 -10.05 20.53
N LYS A 38 1.99 -10.13 20.75
CA LYS A 38 2.62 -9.55 21.94
C LYS A 38 4.13 -9.45 21.77
N ALA A 39 4.80 -8.93 22.79
CA ALA A 39 6.25 -8.79 22.76
C ALA A 39 6.86 -9.11 24.11
N GLY A 40 8.15 -8.81 24.27
CA GLY A 40 8.83 -9.08 25.52
C GLY A 40 9.20 -7.81 26.26
N TRP A 41 10.16 -7.08 25.72
CA TRP A 41 10.61 -5.83 26.34
C TRP A 41 9.43 -4.97 26.75
N LYS A 42 8.36 -5.03 25.96
CA LYS A 42 7.15 -4.26 26.24
C LYS A 42 6.10 -4.47 25.17
N GLY A 43 5.31 -5.53 25.30
CA GLY A 43 4.28 -5.83 24.33
C GLY A 43 2.93 -6.11 24.98
N LYS A 1 2.47 10.39 -6.58
CA LYS A 1 2.38 9.38 -5.52
C LYS A 1 2.64 7.99 -6.08
N TYR A 2 3.29 7.15 -5.27
CA TYR A 2 3.60 5.79 -5.68
C TYR A 2 3.23 4.80 -4.59
N TYR A 3 2.00 4.31 -4.64
CA TYR A 3 1.52 3.34 -3.65
C TYR A 3 2.32 2.05 -3.71
N GLY A 4 2.61 1.60 -4.93
CA GLY A 4 3.37 0.37 -5.11
C GLY A 4 2.54 -0.75 -5.71
N ASN A 5 1.43 -0.38 -6.34
CA ASN A 5 0.54 -1.35 -6.97
C ASN A 5 0.35 -1.05 -8.45
N GLY A 6 1.35 -0.39 -9.04
CA GLY A 6 1.27 -0.05 -10.45
C GLY A 6 0.74 1.35 -10.68
N VAL A 7 0.92 2.22 -9.70
CA VAL A 7 0.46 3.61 -9.80
C VAL A 7 1.55 4.51 -10.36
N SER A 8 1.12 5.58 -11.05
CA SER A 8 2.07 6.52 -11.64
C SER A 8 1.49 7.93 -11.63
N CYS A 9 2.27 8.88 -11.13
CA CYS A 9 1.85 10.28 -11.07
C CYS A 9 2.99 11.16 -10.59
N ASN A 10 3.20 12.28 -11.30
CA ASN A 10 4.26 13.22 -10.95
C ASN A 10 3.82 14.65 -11.21
N LYS A 11 3.54 14.96 -12.48
CA LYS A 11 3.10 16.29 -12.86
C LYS A 11 2.00 16.23 -13.91
N LYS A 12 2.24 15.47 -14.97
CA LYS A 12 1.26 15.32 -16.04
C LYS A 12 -0.10 14.90 -15.49
N GLY A 13 -0.15 13.73 -14.87
CA GLY A 13 -1.40 13.24 -14.31
C GLY A 13 -1.24 11.90 -13.61
N CYS A 14 -2.35 11.26 -13.31
CA CYS A 14 -2.34 9.97 -12.65
C CYS A 14 -3.07 8.92 -13.48
N SER A 15 -2.77 7.66 -13.21
CA SER A 15 -3.39 6.55 -13.94
C SER A 15 -3.34 5.27 -13.12
N VAL A 16 -3.58 5.38 -11.82
CA VAL A 16 -3.55 4.23 -10.93
C VAL A 16 -4.44 3.11 -11.46
N ASP A 17 -3.80 2.02 -11.89
CA ASP A 17 -4.53 0.88 -12.43
C ASP A 17 -5.27 0.14 -11.32
N TRP A 18 -6.49 0.58 -11.04
CA TRP A 18 -7.30 -0.04 -10.00
C TRP A 18 -7.89 -1.37 -10.48
N GLY A 19 -7.01 -2.34 -10.73
CA GLY A 19 -7.47 -3.65 -11.18
C GLY A 19 -6.66 -4.79 -10.60
N LYS A 20 -5.34 -4.61 -10.57
CA LYS A 20 -4.44 -5.63 -10.04
C LYS A 20 -3.98 -5.27 -8.63
N ALA A 21 -4.70 -4.35 -7.99
CA ALA A 21 -4.36 -3.91 -6.64
C ALA A 21 -5.49 -4.26 -5.67
N ILE A 22 -6.70 -4.43 -6.19
CA ILE A 22 -7.84 -4.75 -5.36
C ILE A 22 -7.55 -5.94 -4.45
N GLY A 23 -8.14 -5.93 -3.27
CA GLY A 23 -7.93 -7.01 -2.33
C GLY A 23 -6.68 -6.82 -1.48
N ILE A 24 -5.59 -6.46 -2.13
CA ILE A 24 -4.33 -6.24 -1.43
C ILE A 24 -4.39 -5.00 -0.55
N ILE A 25 -5.25 -4.06 -0.93
CA ILE A 25 -5.42 -2.82 -0.16
C ILE A 25 -5.90 -3.12 1.25
N GLY A 26 -6.88 -4.01 1.36
CA GLY A 26 -7.42 -4.35 2.66
C GLY A 26 -6.47 -5.20 3.48
N ASN A 27 -5.64 -5.98 2.80
CA ASN A 27 -4.67 -6.84 3.48
C ASN A 27 -3.53 -6.02 4.05
N ASN A 28 -3.09 -5.00 3.30
CA ASN A 28 -2.00 -4.14 3.74
C ASN A 28 -2.29 -3.55 5.12
N ALA A 29 -3.49 -3.00 5.28
CA ALA A 29 -3.90 -2.41 6.55
C ALA A 29 -4.04 -3.47 7.63
N ALA A 30 -4.38 -4.69 7.22
CA ALA A 30 -4.56 -5.80 8.15
C ALA A 30 -3.32 -5.98 9.01
N ALA A 31 -2.15 -5.70 8.43
CA ALA A 31 -0.89 -5.84 9.15
C ALA A 31 -0.90 -5.03 10.45
N ASN A 32 -1.70 -3.97 10.46
CA ASN A 32 -1.80 -3.11 11.65
C ASN A 32 -2.90 -3.60 12.58
N LEU A 33 -3.91 -4.24 12.00
CA LEU A 33 -5.03 -4.77 12.79
C LEU A 33 -4.58 -5.89 13.71
N THR A 34 -3.54 -6.61 13.29
CA THR A 34 -3.00 -7.72 14.07
C THR A 34 -1.63 -7.37 14.64
N THR A 35 -0.89 -6.53 13.93
CA THR A 35 0.44 -6.12 14.35
C THR A 35 1.18 -7.28 15.01
N GLY A 36 1.10 -8.46 14.40
CA GLY A 36 1.76 -9.63 14.93
C GLY A 36 3.27 -9.57 14.75
N GLY A 37 3.70 -9.43 13.50
CA GLY A 37 5.13 -9.36 13.23
C GLY A 37 5.58 -7.96 12.85
N LYS A 38 4.82 -6.95 13.29
CA LYS A 38 5.15 -5.57 12.99
C LYS A 38 5.87 -4.91 14.17
N ALA A 39 7.19 -5.04 14.19
CA ALA A 39 8.00 -4.46 15.25
C ALA A 39 9.43 -4.22 14.79
N GLY A 40 10.18 -3.44 15.57
CA GLY A 40 11.55 -3.14 15.22
C GLY A 40 12.00 -1.79 15.73
N TRP A 41 12.24 -1.70 17.03
CA TRP A 41 12.68 -0.45 17.65
C TRP A 41 13.85 -0.69 18.59
N LYS A 42 14.78 -1.54 18.16
CA LYS A 42 15.96 -1.86 18.96
C LYS A 42 15.56 -2.33 20.36
N GLY A 43 14.70 -3.35 20.41
CA GLY A 43 14.26 -3.88 21.68
C GLY A 43 15.41 -4.27 22.58
N LYS A 1 5.70 9.22 -12.17
CA LYS A 1 6.47 8.00 -11.97
C LYS A 1 5.56 6.82 -11.69
N TYR A 2 6.09 5.61 -11.85
CA TYR A 2 5.33 4.39 -11.61
C TYR A 2 5.71 3.77 -10.27
N TYR A 3 4.80 3.85 -9.31
CA TYR A 3 5.03 3.30 -7.98
C TYR A 3 4.71 1.81 -7.95
N GLY A 4 3.54 1.46 -8.48
CA GLY A 4 3.13 0.06 -8.51
C GLY A 4 1.72 -0.14 -7.97
N ASN A 5 1.11 0.95 -7.50
CA ASN A 5 -0.24 0.89 -6.95
C ASN A 5 -1.27 1.25 -8.02
N GLY A 6 -0.89 1.11 -9.29
CA GLY A 6 -1.78 1.41 -10.38
C GLY A 6 -1.64 2.85 -10.86
N VAL A 7 -0.45 3.41 -10.70
CA VAL A 7 -0.17 4.77 -11.13
C VAL A 7 0.36 4.81 -12.55
N SER A 8 -0.18 5.71 -13.36
CA SER A 8 0.24 5.84 -14.75
C SER A 8 0.74 7.26 -15.03
N CYS A 9 2.05 7.40 -15.20
CA CYS A 9 2.66 8.70 -15.47
C CYS A 9 3.62 8.61 -16.66
N ASN A 10 3.33 9.36 -17.71
CA ASN A 10 4.17 9.37 -18.90
C ASN A 10 4.66 10.79 -19.21
N LYS A 11 3.75 11.62 -19.71
CA LYS A 11 4.08 13.00 -20.06
C LYS A 11 2.96 13.94 -19.65
N LYS A 12 1.73 13.53 -19.89
CA LYS A 12 0.57 14.34 -19.55
C LYS A 12 0.57 14.68 -18.06
N GLY A 13 1.18 13.82 -17.25
CA GLY A 13 1.24 14.06 -15.82
C GLY A 13 1.13 12.77 -15.02
N CYS A 14 -0.09 12.33 -14.76
CA CYS A 14 -0.31 11.10 -14.01
C CYS A 14 -1.70 10.55 -14.28
N SER A 15 -2.03 9.43 -13.62
CA SER A 15 -3.32 8.79 -13.79
C SER A 15 -3.61 7.82 -12.66
N VAL A 16 -3.19 8.19 -11.45
CA VAL A 16 -3.40 7.36 -10.27
C VAL A 16 -4.88 7.00 -10.11
N ASP A 17 -5.19 5.73 -10.29
CA ASP A 17 -6.56 5.25 -10.16
C ASP A 17 -7.01 5.29 -8.70
N TRP A 18 -6.05 5.35 -7.79
CA TRP A 18 -6.34 5.38 -6.37
C TRP A 18 -7.23 4.21 -5.96
N GLY A 19 -6.88 3.02 -6.45
CA GLY A 19 -7.66 1.83 -6.14
C GLY A 19 -6.78 0.71 -5.60
N LYS A 20 -5.57 0.61 -6.11
CA LYS A 20 -4.63 -0.43 -5.68
C LYS A 20 -3.55 0.15 -4.79
N ALA A 21 -3.89 1.22 -4.07
CA ALA A 21 -2.92 1.87 -3.18
C ALA A 21 -3.45 1.91 -1.74
N ILE A 22 -4.77 2.06 -1.61
CA ILE A 22 -5.40 2.12 -0.29
C ILE A 22 -5.48 0.73 0.33
N GLY A 23 -5.49 -0.29 -0.51
CA GLY A 23 -5.56 -1.66 -0.02
C GLY A 23 -4.20 -2.23 0.30
N ILE A 24 -3.17 -1.41 0.19
CA ILE A 24 -1.81 -1.84 0.48
C ILE A 24 -1.24 -1.10 1.69
N ILE A 25 -1.64 0.15 1.85
CA ILE A 25 -1.18 0.96 2.97
C ILE A 25 -1.40 0.25 4.29
N GLY A 26 -2.42 -0.59 4.35
CA GLY A 26 -2.72 -1.33 5.56
C GLY A 26 -2.04 -2.68 5.60
N ASN A 27 -2.02 -3.36 4.46
CA ASN A 27 -1.40 -4.68 4.38
C ASN A 27 0.10 -4.59 4.62
N ASN A 28 0.67 -3.41 4.40
CA ASN A 28 2.09 -3.20 4.60
C ASN A 28 2.52 -3.64 5.99
N ALA A 29 1.61 -3.54 6.95
CA ALA A 29 1.89 -3.95 8.33
C ALA A 29 1.45 -5.39 8.58
N ALA A 30 0.56 -5.88 7.72
CA ALA A 30 0.05 -7.25 7.86
C ALA A 30 1.18 -8.26 7.73
N ALA A 31 2.17 -7.95 6.90
CA ALA A 31 3.31 -8.84 6.70
C ALA A 31 4.11 -9.00 7.98
N ASN A 32 4.11 -7.97 8.81
CA ASN A 32 4.84 -8.00 10.08
C ASN A 32 3.96 -8.53 11.20
N LEU A 33 2.69 -8.15 11.19
CA LEU A 33 1.75 -8.59 12.20
C LEU A 33 1.76 -10.11 12.35
N THR A 34 1.95 -10.81 11.23
CA THR A 34 1.99 -12.26 11.22
C THR A 34 3.35 -12.78 11.64
N THR A 35 4.39 -11.98 11.38
CA THR A 35 5.75 -12.36 11.72
C THR A 35 5.88 -12.64 13.22
N GLY A 36 5.34 -11.74 14.03
CA GLY A 36 5.41 -11.91 15.47
C GLY A 36 6.62 -11.23 16.08
N GLY A 37 6.61 -9.90 16.08
CA GLY A 37 7.73 -9.15 16.64
C GLY A 37 7.57 -8.91 18.13
N LYS A 38 6.80 -7.89 18.48
CA LYS A 38 6.57 -7.55 19.89
C LYS A 38 5.35 -8.28 20.43
N ALA A 39 4.41 -8.59 19.53
CA ALA A 39 3.19 -9.29 19.93
C ALA A 39 2.38 -8.46 20.92
N GLY A 40 2.33 -7.15 20.69
CA GLY A 40 1.59 -6.27 21.58
C GLY A 40 0.35 -5.69 20.92
N TRP A 41 -0.55 -6.57 20.48
CA TRP A 41 -1.78 -6.14 19.83
C TRP A 41 -2.47 -5.04 20.64
N LYS A 42 -2.49 -5.21 21.96
CA LYS A 42 -3.11 -4.24 22.84
C LYS A 42 -3.04 -4.70 24.30
N GLY A 43 -2.02 -4.23 25.01
CA GLY A 43 -1.85 -4.61 26.40
C GLY A 43 -1.45 -3.45 27.28
N LYS A 1 -0.25 10.91 -15.39
CA LYS A 1 -1.10 10.10 -16.27
C LYS A 1 -2.39 9.70 -15.57
N TYR A 2 -3.42 9.45 -16.35
CA TYR A 2 -4.72 9.06 -15.80
C TYR A 2 -5.44 8.12 -16.75
N TYR A 3 -5.87 6.97 -16.23
CA TYR A 3 -6.58 5.98 -17.04
C TYR A 3 -8.07 5.97 -16.70
N GLY A 4 -8.40 5.45 -15.52
CA GLY A 4 -9.79 5.39 -15.11
C GLY A 4 -9.96 4.84 -13.71
N ASN A 5 -9.24 3.76 -13.42
CA ASN A 5 -9.31 3.13 -12.11
C ASN A 5 -8.89 4.10 -11.01
N GLY A 6 -8.11 5.10 -11.39
CA GLY A 6 -7.65 6.09 -10.42
C GLY A 6 -6.17 6.37 -10.54
N VAL A 7 -5.50 5.66 -11.45
CA VAL A 7 -4.07 5.85 -11.66
C VAL A 7 -3.70 7.33 -11.70
N SER A 8 -2.61 7.68 -11.05
CA SER A 8 -2.15 9.06 -11.01
C SER A 8 -0.64 9.14 -10.85
N CYS A 9 -0.04 10.22 -11.33
CA CYS A 9 1.40 10.40 -11.24
C CYS A 9 1.75 11.44 -10.18
N ASN A 10 2.94 11.32 -9.61
CA ASN A 10 3.38 12.24 -8.57
C ASN A 10 4.77 12.80 -8.90
N LYS A 11 5.76 11.92 -8.98
CA LYS A 11 7.12 12.32 -9.28
C LYS A 11 7.84 11.24 -10.10
N LYS A 12 8.18 10.14 -9.43
CA LYS A 12 8.87 9.03 -10.10
C LYS A 12 8.14 7.72 -9.86
N GLY A 13 6.83 7.80 -9.64
CA GLY A 13 6.03 6.61 -9.39
C GLY A 13 4.60 6.76 -9.86
N CYS A 14 4.38 6.50 -11.15
CA CYS A 14 3.04 6.61 -11.73
C CYS A 14 2.46 5.24 -12.02
N SER A 15 1.36 5.21 -12.77
CA SER A 15 0.71 3.95 -13.12
C SER A 15 0.17 3.26 -11.88
N VAL A 16 -0.33 4.04 -10.94
CA VAL A 16 -0.88 3.49 -9.71
C VAL A 16 -1.99 4.39 -9.15
N ASP A 17 -3.19 3.83 -9.01
CA ASP A 17 -4.32 4.58 -8.49
C ASP A 17 -4.12 4.92 -7.03
N TRP A 18 -3.31 4.12 -6.33
CA TRP A 18 -3.03 4.34 -4.92
C TRP A 18 -4.31 4.24 -4.10
N GLY A 19 -5.06 3.16 -4.31
CA GLY A 19 -6.30 2.96 -3.57
C GLY A 19 -6.50 1.52 -3.15
N LYS A 20 -6.35 0.60 -4.09
CA LYS A 20 -6.52 -0.81 -3.81
C LYS A 20 -5.23 -1.42 -3.27
N ALA A 21 -4.10 -0.86 -3.67
CA ALA A 21 -2.80 -1.34 -3.22
C ALA A 21 -2.73 -1.40 -1.70
N ILE A 22 -3.26 -0.36 -1.05
CA ILE A 22 -3.25 -0.29 0.41
C ILE A 22 -3.94 -1.52 1.01
N GLY A 23 -5.00 -1.97 0.36
CA GLY A 23 -5.74 -3.13 0.85
C GLY A 23 -4.93 -4.41 0.72
N ILE A 24 -3.98 -4.42 -0.20
CA ILE A 24 -3.14 -5.60 -0.42
C ILE A 24 -1.89 -5.55 0.47
N ILE A 25 -1.29 -4.37 0.57
CA ILE A 25 -0.09 -4.21 1.39
C ILE A 25 -0.42 -4.33 2.87
N GLY A 26 -1.46 -3.62 3.30
CA GLY A 26 -1.86 -3.67 4.70
C GLY A 26 -2.22 -5.07 5.16
N ASN A 27 -2.57 -5.93 4.20
CA ASN A 27 -2.93 -7.31 4.51
C ASN A 27 -1.69 -8.20 4.53
N ASN A 28 -0.71 -7.88 3.70
CA ASN A 28 0.52 -8.65 3.63
C ASN A 28 1.22 -8.69 4.98
N ALA A 29 1.39 -7.52 5.59
CA ALA A 29 2.04 -7.43 6.89
C ALA A 29 1.13 -7.94 8.00
N ALA A 30 -0.17 -7.68 7.85
CA ALA A 30 -1.15 -8.11 8.84
C ALA A 30 -1.06 -9.62 9.09
N ALA A 31 -0.59 -10.35 8.09
CA ALA A 31 -0.45 -11.79 8.21
C ALA A 31 0.37 -12.17 9.44
N ASN A 32 1.36 -11.35 9.76
CA ASN A 32 2.21 -11.59 10.93
C ASN A 32 1.58 -11.03 12.20
N LEU A 33 0.75 -10.00 12.03
CA LEU A 33 0.08 -9.37 13.16
C LEU A 33 -1.02 -10.28 13.72
N THR A 34 -1.78 -10.88 12.83
CA THR A 34 -2.86 -11.78 13.23
C THR A 34 -2.32 -13.01 13.95
N THR A 35 -1.14 -13.46 13.53
CA THR A 35 -0.52 -14.64 14.13
C THR A 35 0.02 -14.31 15.52
N GLY A 36 0.56 -13.10 15.69
CA GLY A 36 1.09 -12.70 16.97
C GLY A 36 2.48 -12.09 16.85
N GLY A 37 2.53 -10.78 16.59
CA GLY A 37 3.81 -10.11 16.45
C GLY A 37 3.79 -8.70 17.02
N LYS A 38 4.38 -8.52 18.19
CA LYS A 38 4.42 -7.22 18.84
C LYS A 38 5.18 -6.21 17.97
N ALA A 39 5.01 -4.93 18.30
CA ALA A 39 5.68 -3.87 17.55
C ALA A 39 5.75 -2.59 18.37
N GLY A 40 6.89 -1.92 18.32
CA GLY A 40 7.08 -0.69 19.08
C GLY A 40 7.65 0.42 18.22
N TRP A 41 6.86 0.89 17.25
CA TRP A 41 7.29 1.97 16.37
C TRP A 41 6.12 2.83 15.94
N LYS A 42 6.40 3.98 15.34
CA LYS A 42 5.37 4.89 14.88
C LYS A 42 4.89 4.51 13.48
N GLY A 43 3.62 4.11 13.38
CA GLY A 43 3.07 3.73 12.10
C GLY A 43 2.45 4.89 11.35
N LYS A 1 -1.31 10.42 -5.84
CA LYS A 1 0.14 10.47 -5.81
C LYS A 1 0.74 9.07 -6.00
N TYR A 2 2.04 8.95 -5.78
CA TYR A 2 2.73 7.68 -5.93
C TYR A 2 2.67 6.87 -4.65
N TYR A 3 2.49 5.56 -4.78
CA TYR A 3 2.41 4.67 -3.64
C TYR A 3 3.52 3.62 -3.68
N GLY A 4 3.69 2.99 -4.84
CA GLY A 4 4.71 1.98 -4.99
C GLY A 4 4.18 0.72 -5.65
N ASN A 5 2.89 0.71 -5.96
CA ASN A 5 2.26 -0.44 -6.59
C ASN A 5 2.23 -0.28 -8.11
N GLY A 6 3.08 0.61 -8.62
CA GLY A 6 3.14 0.84 -10.05
C GLY A 6 2.40 2.10 -10.46
N VAL A 7 2.17 3.00 -9.50
CA VAL A 7 1.48 4.25 -9.77
C VAL A 7 2.39 5.23 -10.50
N SER A 8 1.79 6.12 -11.29
CA SER A 8 2.54 7.11 -12.05
C SER A 8 1.67 8.32 -12.38
N CYS A 9 2.10 9.50 -11.95
CA CYS A 9 1.37 10.72 -12.21
C CYS A 9 2.25 11.95 -11.97
N ASN A 10 2.41 12.76 -13.00
CA ASN A 10 3.23 13.97 -12.91
C ASN A 10 2.37 15.22 -13.04
N LYS A 11 1.90 15.49 -14.26
CA LYS A 11 1.06 16.64 -14.51
C LYS A 11 -0.06 16.32 -15.50
N LYS A 12 0.28 15.52 -16.51
CA LYS A 12 -0.70 15.12 -17.52
C LYS A 12 -1.84 14.34 -16.89
N GLY A 13 -1.52 13.22 -16.27
CA GLY A 13 -2.53 12.40 -15.62
C GLY A 13 -1.95 11.29 -14.77
N CYS A 14 -2.81 10.49 -14.18
CA CYS A 14 -2.36 9.38 -13.33
C CYS A 14 -2.72 8.03 -13.95
N SER A 15 -2.18 6.96 -13.38
CA SER A 15 -2.44 5.62 -13.88
C SER A 15 -2.21 4.58 -12.79
N VAL A 16 -2.60 4.92 -11.57
CA VAL A 16 -2.45 4.02 -10.43
C VAL A 16 -3.01 2.63 -10.75
N ASP A 17 -2.12 1.66 -10.88
CA ASP A 17 -2.51 0.29 -11.18
C ASP A 17 -3.19 -0.36 -9.97
N TRP A 18 -4.50 -0.14 -9.86
CA TRP A 18 -5.27 -0.70 -8.75
C TRP A 18 -5.50 -2.20 -8.96
N GLY A 19 -4.45 -2.99 -8.86
CA GLY A 19 -4.56 -4.42 -9.03
C GLY A 19 -3.70 -5.21 -8.07
N LYS A 20 -2.48 -4.71 -7.83
CA LYS A 20 -1.56 -5.37 -6.92
C LYS A 20 -1.64 -4.77 -5.53
N ALA A 21 -2.03 -3.50 -5.45
CA ALA A 21 -2.16 -2.81 -4.17
C ALA A 21 -3.35 -3.34 -3.38
N ILE A 22 -4.34 -3.87 -4.09
CA ILE A 22 -5.53 -4.41 -3.45
C ILE A 22 -5.16 -5.51 -2.45
N GLY A 23 -4.08 -6.23 -2.74
CA GLY A 23 -3.65 -7.29 -1.85
C GLY A 23 -2.60 -6.83 -0.85
N ILE A 24 -2.51 -5.51 -0.67
CA ILE A 24 -1.54 -4.94 0.26
C ILE A 24 -2.24 -4.12 1.33
N ILE A 25 -3.34 -3.46 0.95
CA ILE A 25 -4.10 -2.64 1.89
C ILE A 25 -4.50 -3.44 3.12
N GLY A 26 -4.64 -4.76 2.95
CA GLY A 26 -5.01 -5.61 4.06
C GLY A 26 -4.00 -5.58 5.19
N ASN A 27 -2.75 -5.31 4.85
CA ASN A 27 -1.68 -5.24 5.85
C ASN A 27 -1.52 -3.82 6.38
N ASN A 28 -1.56 -2.85 5.49
CA ASN A 28 -1.41 -1.45 5.87
C ASN A 28 -2.50 -1.04 6.86
N ALA A 29 -3.75 -1.27 6.49
CA ALA A 29 -4.88 -0.92 7.34
C ALA A 29 -4.83 -1.72 8.65
N ALA A 30 -4.22 -2.90 8.60
CA ALA A 30 -4.11 -3.75 9.78
C ALA A 30 -3.26 -3.08 10.87
N ALA A 31 -2.19 -2.42 10.44
CA ALA A 31 -1.30 -1.74 11.38
C ALA A 31 -2.08 -0.77 12.27
N ASN A 32 -3.12 -0.17 11.70
CA ASN A 32 -3.95 0.78 12.44
C ASN A 32 -4.86 0.05 13.44
N LEU A 33 -5.39 -1.09 13.03
CA LEU A 33 -6.27 -1.87 13.87
C LEU A 33 -5.58 -2.22 15.20
N THR A 34 -4.26 -2.30 15.16
CA THR A 34 -3.48 -2.62 16.36
C THR A 34 -2.82 -1.38 16.93
N THR A 35 -2.55 -0.40 16.07
CA THR A 35 -1.92 0.84 16.50
C THR A 35 -0.55 0.58 17.10
N GLY A 36 0.24 -0.27 16.44
CA GLY A 36 1.56 -0.59 16.93
C GLY A 36 2.65 0.20 16.22
N GLY A 37 3.46 -0.49 15.43
CA GLY A 37 4.53 0.19 14.71
C GLY A 37 5.14 -0.70 13.64
N LYS A 38 5.78 -1.79 14.06
CA LYS A 38 6.42 -2.71 13.14
C LYS A 38 6.20 -4.15 13.57
N ALA A 39 6.68 -5.09 12.77
CA ALA A 39 6.54 -6.51 13.07
C ALA A 39 7.34 -7.36 12.10
N GLY A 40 7.38 -8.67 12.35
CA GLY A 40 8.12 -9.57 11.50
C GLY A 40 8.03 -11.02 11.94
N TRP A 41 6.93 -11.67 11.60
CA TRP A 41 6.71 -13.06 11.97
C TRP A 41 7.26 -13.34 13.36
N LYS A 42 7.00 -12.43 14.30
CA LYS A 42 7.46 -12.58 15.67
C LYS A 42 8.96 -12.87 15.70
N GLY A 43 9.75 -11.94 15.18
CA GLY A 43 11.19 -12.11 15.16
C GLY A 43 11.79 -12.19 16.56
N LYS A 1 1.94 12.58 -16.62
CA LYS A 1 2.48 11.31 -17.12
C LYS A 1 1.50 10.17 -16.89
N TYR A 2 1.06 9.55 -17.98
CA TYR A 2 0.11 8.44 -17.90
C TYR A 2 0.45 7.37 -18.92
N TYR A 3 0.70 6.15 -18.43
CA TYR A 3 1.06 5.03 -19.29
C TYR A 3 -0.20 4.42 -19.90
N GLY A 4 -0.94 3.68 -19.08
CA GLY A 4 -2.16 3.04 -19.56
C GLY A 4 -2.67 1.97 -18.61
N ASN A 5 -1.75 1.09 -18.19
CA ASN A 5 -2.12 0.00 -17.28
C ASN A 5 -2.76 0.55 -16.01
N GLY A 6 -2.42 1.79 -15.67
CA GLY A 6 -2.98 2.40 -14.48
C GLY A 6 -2.01 3.38 -13.83
N VAL A 7 -0.73 3.28 -14.19
CA VAL A 7 0.29 4.16 -13.64
C VAL A 7 -0.21 5.59 -13.55
N SER A 8 -0.09 6.19 -12.36
CA SER A 8 -0.52 7.55 -12.14
C SER A 8 -0.23 8.00 -10.71
N CYS A 9 -0.41 9.29 -10.45
CA CYS A 9 -0.16 9.85 -9.13
C CYS A 9 -1.26 10.82 -8.73
N ASN A 10 -1.32 11.13 -7.44
CA ASN A 10 -2.34 12.06 -6.93
C ASN A 10 -1.80 12.86 -5.74
N LYS A 11 -1.18 12.15 -4.80
CA LYS A 11 -0.62 12.80 -3.62
C LYS A 11 0.42 11.90 -2.96
N LYS A 12 1.02 11.02 -3.74
CA LYS A 12 2.04 10.10 -3.24
C LYS A 12 3.24 10.04 -4.18
N GLY A 13 3.05 9.42 -5.34
CA GLY A 13 4.13 9.31 -6.31
C GLY A 13 3.66 8.71 -7.62
N CYS A 14 4.38 9.03 -8.70
CA CYS A 14 4.04 8.52 -10.02
C CYS A 14 4.72 7.18 -10.28
N SER A 15 4.58 6.68 -11.51
CA SER A 15 5.17 5.41 -11.89
C SER A 15 4.57 4.26 -11.07
N VAL A 16 3.33 4.44 -10.65
CA VAL A 16 2.64 3.41 -9.86
C VAL A 16 1.14 3.42 -10.16
N ASP A 17 0.66 2.31 -10.72
CA ASP A 17 -0.75 2.18 -11.04
C ASP A 17 -1.60 2.08 -9.78
N TRP A 18 -1.98 3.24 -9.24
CA TRP A 18 -2.80 3.28 -8.03
C TRP A 18 -4.23 2.90 -8.33
N GLY A 19 -4.46 1.62 -8.64
CA GLY A 19 -5.80 1.16 -8.94
C GLY A 19 -6.02 -0.28 -8.50
N LYS A 20 -5.07 -1.15 -8.81
CA LYS A 20 -5.17 -2.56 -8.43
C LYS A 20 -4.62 -2.80 -7.04
N ALA A 21 -3.72 -1.91 -6.60
CA ALA A 21 -3.12 -2.02 -5.27
C ALA A 21 -4.13 -1.67 -4.18
N ILE A 22 -5.20 -0.97 -4.57
CA ILE A 22 -6.23 -0.57 -3.63
C ILE A 22 -6.97 -1.79 -3.09
N GLY A 23 -7.31 -1.75 -1.80
CA GLY A 23 -8.03 -2.85 -1.18
C GLY A 23 -7.10 -3.91 -0.65
N ILE A 24 -5.85 -3.89 -1.10
CA ILE A 24 -4.86 -4.86 -0.65
C ILE A 24 -3.78 -4.20 0.20
N ILE A 25 -3.54 -2.92 -0.04
CA ILE A 25 -2.55 -2.16 0.71
C ILE A 25 -2.77 -2.30 2.21
N GLY A 26 -4.03 -2.47 2.61
CA GLY A 26 -4.35 -2.60 4.01
C GLY A 26 -4.14 -4.02 4.51
N ASN A 27 -4.46 -5.00 3.68
CA ASN A 27 -4.30 -6.40 4.06
C ASN A 27 -2.83 -6.75 4.25
N ASN A 28 -1.97 -6.14 3.44
CA ASN A 28 -0.54 -6.39 3.52
C ASN A 28 -0.02 -6.10 4.93
N ALA A 29 -0.32 -4.91 5.43
CA ALA A 29 0.11 -4.52 6.77
C ALA A 29 -0.60 -5.34 7.84
N ALA A 30 -1.85 -5.69 7.59
CA ALA A 30 -2.63 -6.48 8.53
C ALA A 30 -1.90 -7.77 8.90
N ALA A 31 -1.17 -8.33 7.94
CA ALA A 31 -0.43 -9.56 8.16
C ALA A 31 0.54 -9.41 9.34
N ASN A 32 1.07 -8.21 9.51
CA ASN A 32 2.01 -7.93 10.59
C ASN A 32 1.27 -7.59 11.87
N LEU A 33 0.06 -7.07 11.73
CA LEU A 33 -0.75 -6.69 12.88
C LEU A 33 -1.20 -7.92 13.66
N THR A 34 -1.28 -9.06 12.97
CA THR A 34 -1.70 -10.31 13.59
C THR A 34 -0.49 -11.19 13.91
N THR A 35 0.56 -11.06 13.11
CA THR A 35 1.77 -11.84 13.30
C THR A 35 2.63 -11.25 14.40
N GLY A 36 2.85 -9.93 14.33
CA GLY A 36 3.67 -9.26 15.33
C GLY A 36 2.85 -8.79 16.51
N GLY A 37 1.86 -7.93 16.26
CA GLY A 37 1.02 -7.42 17.32
C GLY A 37 1.79 -6.54 18.29
N LYS A 38 1.07 -5.74 19.06
CA LYS A 38 1.69 -4.84 20.03
C LYS A 38 2.70 -3.92 19.35
N ALA A 39 2.48 -3.65 18.08
CA ALA A 39 3.37 -2.77 17.31
C ALA A 39 2.77 -1.39 17.15
N GLY A 40 3.62 -0.37 17.12
CA GLY A 40 3.15 0.99 16.97
C GLY A 40 4.03 1.99 17.69
N TRP A 41 4.55 1.60 18.85
CA TRP A 41 5.42 2.47 19.64
C TRP A 41 6.59 2.96 18.80
N LYS A 42 7.02 2.15 17.84
CA LYS A 42 8.13 2.51 16.98
C LYS A 42 8.03 1.79 15.64
N GLY A 43 7.67 0.51 15.68
CA GLY A 43 7.54 -0.26 14.46
C GLY A 43 6.59 0.37 13.46
#